data_4XX6
#
_entry.id   4XX6
#
_cell.length_a   52.414
_cell.length_b   99.345
_cell.length_c   147.267
_cell.angle_alpha   90.00
_cell.angle_beta   90.00
_cell.angle_gamma   90.00
#
_symmetry.space_group_name_H-M   'P 21 21 21'
#
loop_
_entity.id
_entity.type
_entity.pdbx_description
1 polymer Beta-xylanase
2 branched alpha-D-mannopyranose-(1-2)-alpha-D-mannopyranose-(1-3)-[alpha-D-mannopyranose-(1-3)-[alpha-D-mannopyranose-(1-6)]alpha-D-mannopyranose-(1-6)]beta-D-mannopyranose-(1-4)-2-acetamido-2-deoxy-beta-D-glucopyranose-(1-4)-2-acetamido-2-deoxy-beta-D-glucopyranose
3 branched alpha-D-mannopyranose-(1-2)-alpha-D-mannopyranose-(1-3)-[alpha-D-mannopyranose-(1-2)-alpha-D-mannopyranose-(1-6)]alpha-D-mannopyranose-(1-6)-[alpha-D-mannopyranose-(1-3)]beta-D-mannopyranose-(1-4)-2-acetamido-2-deoxy-beta-D-glucopyranose-(1-4)-2-acetamido-2-deoxy-beta-D-glucopyranose
4 branched alpha-D-mannopyranose-(1-3)-beta-D-mannopyranose-(1-4)-2-acetamido-2-deoxy-beta-D-glucopyranose-(1-4)-2-acetamido-2-deoxy-beta-D-glucopyranose
5 branched alpha-D-mannopyranose-(1-4)-alpha-D-mannopyranose-(1-2)-alpha-D-mannopyranose-(1-6)-beta-D-mannopyranose-(1-4)-2-acetamido-2-deoxy-beta-D-glucopyranose-(1-4)-2-acetamido-2-deoxy-beta-D-glucopyranose
6 branched alpha-D-mannopyranose-(1-2)-alpha-D-mannopyranose-(1-3)-[alpha-D-mannopyranose-(1-2)-alpha-D-mannopyranose-(1-6)]alpha-D-mannopyranose-(1-6)-beta-D-mannopyranose-(1-4)-2-acetamido-2-deoxy-beta-D-glucopyranose-(1-4)-2-acetamido-2-deoxy-beta-D-glucopyranose
7 branched 2-acetamido-2-deoxy-beta-D-glucopyranose-(1-4)-2-acetamido-2-deoxy-beta-D-glucopyranose
8 non-polymer 'UNKNOWN ATOM OR ION'
9 non-polymer 2-acetamido-2-deoxy-beta-D-glucopyranose
10 non-polymer 'MAGNESIUM ION'
11 non-polymer DI(HYDROXYETHYL)ETHER
12 non-polymer 'HEXAETHYLENE GLYCOL'
13 non-polymer GLYCEROL
14 non-polymer 'CHLORIDE ION'
15 water water
#
_entity_poly.entity_id   1
_entity_poly.type   'polypeptide(L)'
_entity_poly.pdbx_seq_one_letter_code
;PTSPFETLRAAAAPRYFGAALGVPHLLNFTHDPLFDVTAVLQFNGATPENEMKWAYIEPERNQFNFTGGDIVAAFSAAND
YVLRGHNLVWYQELAPWVETLTGEDLWNATVNHITTVMTHYKESFNIYAWDVVNEAFNDNGTYRENVWYTQLGPDYIPNA
YAVARSVNTPSKLYINDYNTEGINNKSDALLAVVQSMKAHNLVDGVGFQCHFFVGELPPDLEQNFARFVAAGVEIAVTEL
DIRMNLPPSQADIEQQARDYATVVNACKAQGAACVGITTWGITDLYSWIPSTYPGEGYALLFDDNYVPHPAFNATIQALL
A
;
_entity_poly.pdbx_strand_id   A,B
#
loop_
_chem_comp.id
_chem_comp.type
_chem_comp.name
_chem_comp.formula
BMA D-saccharide, beta linking beta-D-mannopyranose 'C6 H12 O6'
CL non-polymer 'CHLORIDE ION' 'Cl -1'
GOL non-polymer GLYCEROL 'C3 H8 O3'
MAN D-saccharide, alpha linking alpha-D-mannopyranose 'C6 H12 O6'
MG non-polymer 'MAGNESIUM ION' 'Mg 2'
NAG D-saccharide, beta linking 2-acetamido-2-deoxy-beta-D-glucopyranose 'C8 H15 N O6'
P6G non-polymer 'HEXAETHYLENE GLYCOL' 'C12 H26 O7'
PEG non-polymer DI(HYDROXYETHYL)ETHER 'C4 H10 O3'
UNX non-polymer 'UNKNOWN ATOM OR ION' ?
#
# COMPACT_ATOMS: atom_id res chain seq x y z
N PRO A 4 -20.03 -10.30 -15.86
CA PRO A 4 -21.27 -11.04 -16.10
C PRO A 4 -21.14 -12.21 -17.08
N PHE A 5 -21.32 -13.46 -16.63
CA PHE A 5 -21.52 -13.86 -15.23
C PHE A 5 -20.37 -14.77 -14.77
N GLU A 6 -19.25 -14.69 -15.47
CA GLU A 6 -18.18 -15.69 -15.40
C GLU A 6 -17.33 -15.66 -14.11
N THR A 7 -17.37 -14.56 -13.37
CA THR A 7 -16.58 -14.44 -12.16
C THR A 7 -17.46 -14.46 -10.91
N LEU A 8 -16.84 -14.73 -9.77
CA LEU A 8 -17.56 -14.72 -8.50
C LEU A 8 -18.12 -13.33 -8.23
N ARG A 9 -17.29 -12.30 -8.44
CA ARG A 9 -17.73 -10.95 -8.15
C ARG A 9 -18.92 -10.58 -9.06
N ALA A 10 -18.90 -11.01 -10.32
CA ALA A 10 -20.01 -10.65 -11.22
C ALA A 10 -21.28 -11.39 -10.82
N ALA A 11 -21.13 -12.68 -10.53
CA ALA A 11 -22.27 -13.53 -10.18
C ALA A 11 -22.92 -13.09 -8.87
N ALA A 12 -22.12 -12.56 -7.94
CA ALA A 12 -22.62 -12.20 -6.63
C ALA A 12 -23.47 -10.92 -6.61
N ALA A 13 -23.24 -10.02 -7.56
CA ALA A 13 -23.90 -8.70 -7.55
C ALA A 13 -25.40 -8.81 -7.29
N PRO A 14 -25.94 -7.90 -6.45
CA PRO A 14 -25.28 -6.76 -5.80
C PRO A 14 -24.53 -7.08 -4.49
N ARG A 15 -24.52 -8.32 -4.04
CA ARG A 15 -23.68 -8.69 -2.89
C ARG A 15 -22.22 -8.67 -3.29
N TYR A 16 -21.31 -8.54 -2.33
CA TYR A 16 -19.90 -8.64 -2.67
C TYR A 16 -19.44 -10.08 -2.48
N PHE A 17 -18.34 -10.43 -3.13
CA PHE A 17 -17.69 -11.71 -2.86
C PHE A 17 -16.23 -11.42 -2.60
N GLY A 18 -15.81 -11.65 -1.35
CA GLY A 18 -14.52 -11.16 -0.92
C GLY A 18 -13.53 -12.25 -0.54
N ALA A 19 -12.32 -11.83 -0.18
CA ALA A 19 -11.28 -12.75 0.25
C ALA A 19 -10.42 -12.14 1.34
N ALA A 20 -9.95 -12.98 2.26
CA ALA A 20 -8.89 -12.56 3.18
C ALA A 20 -7.63 -12.36 2.37
N LEU A 21 -7.02 -11.18 2.47
CA LEU A 21 -5.79 -10.89 1.74
C LEU A 21 -4.68 -10.61 2.73
N GLY A 22 -3.59 -11.35 2.59
CA GLY A 22 -2.44 -11.15 3.45
C GLY A 22 -1.41 -10.30 2.76
N VAL A 23 -0.84 -9.36 3.51
CA VAL A 23 0.23 -8.51 2.98
C VAL A 23 1.38 -9.28 2.32
N PRO A 24 1.88 -10.37 2.94
CA PRO A 24 2.99 -11.05 2.27
C PRO A 24 2.61 -11.62 0.89
N HIS A 25 1.36 -12.03 0.67
CA HIS A 25 0.95 -12.55 -0.64
C HIS A 25 0.75 -11.44 -1.65
N LEU A 26 0.13 -10.33 -1.23
CA LEU A 26 -0.04 -9.17 -2.08
C LEU A 26 1.29 -8.65 -2.60
N LEU A 27 2.29 -8.62 -1.73
CA LEU A 27 3.61 -8.13 -2.13
C LEU A 27 4.46 -9.16 -2.83
N ASN A 28 3.90 -10.34 -3.07
CA ASN A 28 4.60 -11.43 -3.76
C ASN A 28 4.24 -11.46 -5.23
N PHE A 29 3.76 -10.33 -5.76
CA PHE A 29 3.25 -10.24 -7.13
C PHE A 29 4.29 -10.67 -8.17
N THR A 30 5.56 -10.43 -7.90
CA THR A 30 6.61 -10.84 -8.82
C THR A 30 6.69 -12.36 -8.93
N HIS A 31 6.73 -13.05 -7.79
CA HIS A 31 6.95 -14.49 -7.80
C HIS A 31 5.67 -15.31 -7.93
N ASP A 32 4.55 -14.68 -7.64
CA ASP A 32 3.26 -15.36 -7.68
C ASP A 32 2.20 -14.38 -8.13
N PRO A 33 2.25 -13.96 -9.40
CA PRO A 33 1.33 -12.93 -9.87
C PRO A 33 -0.13 -13.39 -9.83
N LEU A 34 -0.39 -14.69 -9.91
CA LEU A 34 -1.76 -15.18 -9.97
C LEU A 34 -2.53 -14.87 -8.68
N PHE A 35 -1.84 -14.61 -7.58
CA PHE A 35 -2.57 -14.27 -6.36
C PHE A 35 -3.26 -12.92 -6.53
N ASP A 36 -2.50 -11.89 -6.88
CA ASP A 36 -3.09 -10.57 -7.06
C ASP A 36 -4.01 -10.54 -8.29
N VAL A 37 -3.65 -11.28 -9.32
CA VAL A 37 -4.47 -11.30 -10.53
C VAL A 37 -5.84 -11.94 -10.23
N THR A 38 -5.82 -13.05 -9.52
CA THR A 38 -7.06 -13.74 -9.21
C THR A 38 -7.91 -12.85 -8.30
N ALA A 39 -7.25 -12.13 -7.39
CA ALA A 39 -7.96 -11.21 -6.50
C ALA A 39 -8.73 -10.15 -7.31
N VAL A 40 -8.07 -9.54 -8.29
CA VAL A 40 -8.70 -8.48 -9.07
C VAL A 40 -9.82 -9.02 -9.98
N LEU A 41 -9.56 -10.13 -10.66
CA LEU A 41 -10.53 -10.66 -11.60
C LEU A 41 -11.77 -11.26 -10.93
N GLN A 42 -11.59 -11.93 -9.80
CA GLN A 42 -12.66 -12.76 -9.24
C GLN A 42 -13.39 -12.17 -8.02
N PHE A 43 -12.71 -11.31 -7.26
CA PHE A 43 -13.25 -10.84 -5.97
C PHE A 43 -13.50 -9.32 -5.97
N ASN A 44 -14.45 -8.83 -5.17
CA ASN A 44 -14.61 -7.38 -5.01
C ASN A 44 -14.84 -6.98 -3.56
N GLY A 45 -14.36 -7.83 -2.65
CA GLY A 45 -14.29 -7.51 -1.24
C GLY A 45 -12.98 -8.03 -0.68
N ALA A 46 -12.54 -7.43 0.42
CA ALA A 46 -11.31 -7.87 1.03
C ALA A 46 -11.38 -7.68 2.53
N THR A 47 -10.68 -8.58 3.23
CA THR A 47 -10.45 -8.49 4.66
C THR A 47 -8.96 -8.68 4.88
N PRO A 48 -8.31 -7.82 5.68
CA PRO A 48 -6.89 -8.08 5.96
C PRO A 48 -6.76 -9.34 6.77
N GLU A 49 -5.91 -10.27 6.34
CA GLU A 49 -5.82 -11.56 7.01
C GLU A 49 -5.32 -11.42 8.46
N ASN A 50 -4.32 -10.56 8.66
CA ASN A 50 -3.67 -10.45 9.97
C ASN A 50 -3.35 -9.04 10.41
N GLU A 51 -3.03 -8.16 9.48
CA GLU A 51 -2.22 -7.02 9.90
C GLU A 51 -2.98 -5.85 10.52
N MET A 52 -4.30 -5.94 10.63
CA MET A 52 -5.01 -4.98 11.48
C MET A 52 -5.23 -5.51 12.90
N LYS A 53 -4.83 -6.74 13.17
CA LYS A 53 -5.02 -7.30 14.52
C LYS A 53 -4.06 -6.63 15.50
N TRP A 54 -4.44 -6.67 16.77
CA TRP A 54 -3.81 -5.84 17.80
C TRP A 54 -2.32 -6.04 17.91
N ALA A 55 -1.86 -7.28 17.85
CA ALA A 55 -0.43 -7.57 17.96
C ALA A 55 0.40 -6.86 16.88
N TYR A 56 -0.21 -6.61 15.71
CA TYR A 56 0.50 -6.00 14.60
C TYR A 56 0.34 -4.49 14.59
N ILE A 57 -0.86 -4.04 14.92
CA ILE A 57 -1.20 -2.64 14.71
C ILE A 57 -0.88 -1.78 15.94
N GLU A 58 -0.84 -2.36 17.13
CA GLU A 58 -0.34 -1.60 18.29
C GLU A 58 0.65 -2.43 19.12
N PRO A 59 1.86 -2.66 18.56
CA PRO A 59 2.82 -3.63 19.13
C PRO A 59 3.41 -3.20 20.47
N GLU A 60 3.49 -1.90 20.72
CA GLU A 60 3.72 -1.40 22.08
C GLU A 60 2.67 -0.36 22.40
N ARG A 61 2.47 -0.10 23.70
CA ARG A 61 1.34 0.76 24.10
C ARG A 61 1.42 2.17 23.50
N ASN A 62 0.33 2.58 22.87
CA ASN A 62 0.18 3.88 22.18
C ASN A 62 1.17 4.09 21.02
N GLN A 63 1.79 3.01 20.57
CA GLN A 63 2.66 3.05 19.40
C GLN A 63 1.98 2.27 18.30
N PHE A 64 1.43 2.96 17.31
CA PHE A 64 0.64 2.28 16.30
C PHE A 64 1.46 2.06 15.04
N ASN A 65 1.24 0.93 14.38
CA ASN A 65 1.90 0.61 13.14
C ASN A 65 0.85 0.26 12.07
N PHE A 66 0.50 1.25 11.25
CA PHE A 66 -0.58 1.07 10.28
C PHE A 66 -0.11 0.53 8.93
N THR A 67 1.18 0.27 8.81
CA THR A 67 1.76 -0.07 7.50
C THR A 67 1.06 -1.25 6.83
N GLY A 68 0.88 -2.33 7.59
CA GLY A 68 0.29 -3.54 7.07
C GLY A 68 -1.16 -3.32 6.71
N GLY A 69 -1.92 -2.69 7.61
CA GLY A 69 -3.33 -2.45 7.33
C GLY A 69 -3.51 -1.51 6.13
N ASP A 70 -2.64 -0.52 6.04
CA ASP A 70 -2.69 0.45 4.94
C ASP A 70 -2.45 -0.21 3.58
N ILE A 71 -1.56 -1.21 3.54
CA ILE A 71 -1.33 -1.93 2.30
C ILE A 71 -2.59 -2.66 1.81
N VAL A 72 -3.26 -3.37 2.70
CA VAL A 72 -4.47 -4.09 2.28
C VAL A 72 -5.57 -3.11 1.89
N ALA A 73 -5.70 -2.04 2.69
CA ALA A 73 -6.72 -1.04 2.43
C ALA A 73 -6.48 -0.33 1.09
N ALA A 74 -5.22 -0.12 0.73
CA ALA A 74 -4.91 0.58 -0.51
C ALA A 74 -5.19 -0.29 -1.72
N PHE A 75 -4.86 -1.57 -1.61
CA PHE A 75 -5.18 -2.53 -2.67
C PHE A 75 -6.70 -2.55 -2.88
N SER A 76 -7.42 -2.61 -1.78
CA SER A 76 -8.86 -2.58 -1.81
C SER A 76 -9.37 -1.28 -2.44
N ALA A 77 -8.79 -0.15 -2.03
CA ALA A 77 -9.22 1.15 -2.57
C ALA A 77 -8.97 1.26 -4.07
N ALA A 78 -7.81 0.79 -4.52
CA ALA A 78 -7.48 0.85 -5.93
C ALA A 78 -8.50 0.09 -6.77
N ASN A 79 -8.99 -1.04 -6.26
CA ASN A 79 -9.93 -1.87 -7.00
C ASN A 79 -11.39 -1.61 -6.65
N ASP A 80 -11.65 -0.52 -5.91
CA ASP A 80 -12.95 -0.21 -5.29
C ASP A 80 -13.66 -1.46 -4.75
N TYR A 81 -12.94 -2.19 -3.91
CA TYR A 81 -13.50 -3.27 -3.12
C TYR A 81 -14.38 -2.79 -1.98
N VAL A 82 -15.22 -3.69 -1.49
CA VAL A 82 -15.82 -3.54 -0.17
C VAL A 82 -14.80 -4.00 0.88
N LEU A 83 -14.39 -3.08 1.74
CA LEU A 83 -13.35 -3.40 2.73
C LEU A 83 -13.92 -3.63 4.13
N ARG A 84 -13.55 -4.75 4.75
CA ARG A 84 -13.97 -5.03 6.12
C ARG A 84 -12.76 -4.91 7.03
N GLY A 85 -12.88 -4.08 8.07
CA GLY A 85 -11.82 -3.98 9.06
C GLY A 85 -11.91 -5.15 10.03
N HIS A 86 -10.77 -5.74 10.35
CA HIS A 86 -10.76 -6.98 11.13
C HIS A 86 -9.42 -7.16 11.87
N ASN A 87 -9.43 -7.21 13.21
CA ASN A 87 -10.57 -6.98 14.09
C ASN A 87 -10.04 -6.17 15.29
N LEU A 88 -10.90 -5.68 16.17
CA LEU A 88 -10.39 -4.73 17.18
C LEU A 88 -10.21 -5.33 18.58
N VAL A 89 -11.14 -6.18 19.00
CA VAL A 89 -11.05 -6.79 20.32
C VAL A 89 -11.18 -8.31 20.20
N TRP A 90 -10.11 -9.03 20.54
CA TRP A 90 -10.05 -10.47 20.32
C TRP A 90 -9.00 -11.03 21.27
N TYR A 91 -9.28 -12.19 21.87
CA TYR A 91 -8.32 -12.74 22.84
C TYR A 91 -7.04 -13.27 22.20
N GLN A 92 -7.05 -13.49 20.89
CA GLN A 92 -5.85 -14.00 20.19
C GLN A 92 -5.13 -12.90 19.39
N GLU A 93 -3.88 -13.18 19.00
CA GLU A 93 -3.04 -12.21 18.28
C GLU A 93 -3.16 -10.84 18.94
N LEU A 94 -3.03 -10.87 20.25
CA LEU A 94 -3.09 -9.70 21.08
C LEU A 94 -1.67 -9.35 21.52
N ALA A 95 -1.30 -8.07 21.48
CA ALA A 95 0.04 -7.68 21.90
C ALA A 95 0.24 -8.03 23.38
N PRO A 96 1.36 -8.71 23.70
CA PRO A 96 1.69 -9.15 25.07
C PRO A 96 1.45 -8.11 26.17
N TRP A 97 1.73 -6.83 25.91
CA TRP A 97 1.59 -5.80 26.94
C TRP A 97 0.14 -5.60 27.42
N VAL A 98 -0.84 -5.95 26.59
CA VAL A 98 -2.24 -5.80 26.99
C VAL A 98 -2.63 -6.76 28.11
N GLU A 99 -2.10 -7.98 28.04
CA GLU A 99 -2.63 -9.10 28.84
C GLU A 99 -2.39 -8.96 30.34
N THR A 100 -1.51 -8.06 30.73
CA THR A 100 -1.22 -7.87 32.13
C THR A 100 -1.88 -6.61 32.70
N LEU A 101 -2.61 -5.88 31.87
CA LEU A 101 -3.29 -4.67 32.35
C LEU A 101 -4.54 -5.06 33.13
N THR A 102 -4.86 -4.30 34.17
CA THR A 102 -6.01 -4.61 35.01
C THR A 102 -6.97 -3.43 35.11
N GLY A 103 -8.25 -3.72 35.35
CA GLY A 103 -9.24 -2.69 35.64
C GLY A 103 -9.33 -1.54 34.64
N GLU A 104 -9.45 -0.31 35.18
CA GLU A 104 -9.63 0.88 34.35
C GLU A 104 -8.48 1.11 33.39
N ASP A 105 -7.29 0.65 33.77
CA ASP A 105 -6.10 0.81 32.95
C ASP A 105 -6.25 0.00 31.65
N LEU A 106 -6.73 -1.23 31.79
CA LEU A 106 -7.03 -2.08 30.66
C LEU A 106 -8.10 -1.44 29.77
N TRP A 107 -9.15 -0.92 30.40
CA TRP A 107 -10.22 -0.31 29.64
C TRP A 107 -9.71 0.93 28.89
N ASN A 108 -8.89 1.75 29.55
CA ASN A 108 -8.32 2.93 28.90
C ASN A 108 -7.49 2.56 27.67
N ALA A 109 -6.67 1.52 27.79
CA ALA A 109 -5.87 1.07 26.65
C ALA A 109 -6.76 0.61 25.51
N THR A 110 -7.90 0.01 25.86
CA THR A 110 -8.81 -0.57 24.89
C THR A 110 -9.58 0.54 24.16
N VAL A 111 -10.04 1.53 24.91
CA VAL A 111 -10.67 2.70 24.32
C VAL A 111 -9.72 3.38 23.33
N ASN A 112 -8.47 3.54 23.74
CA ASN A 112 -7.47 4.20 22.91
C ASN A 112 -7.17 3.38 21.64
N HIS A 113 -7.16 2.06 21.78
CA HIS A 113 -6.94 1.18 20.64
C HIS A 113 -8.05 1.33 19.61
N ILE A 114 -9.29 1.18 20.06
CA ILE A 114 -10.45 1.25 19.20
C ILE A 114 -10.54 2.61 18.52
N THR A 115 -10.38 3.67 19.31
CA THR A 115 -10.53 5.02 18.81
C THR A 115 -9.43 5.40 17.81
N THR A 116 -8.18 5.10 18.14
CA THR A 116 -7.07 5.49 17.27
C THR A 116 -7.12 4.74 15.94
N VAL A 117 -7.36 3.44 16.00
CA VAL A 117 -7.41 2.63 14.79
C VAL A 117 -8.57 3.05 13.88
N MET A 118 -9.76 3.18 14.45
CA MET A 118 -10.91 3.56 13.65
C MET A 118 -10.78 4.98 13.08
N THR A 119 -10.26 5.92 13.88
CA THR A 119 -10.07 7.28 13.39
C THR A 119 -9.10 7.28 12.21
N HIS A 120 -8.02 6.52 12.32
CA HIS A 120 -7.03 6.44 11.23
C HIS A 120 -7.70 6.05 9.92
N TYR A 121 -8.50 4.98 9.94
CA TYR A 121 -9.10 4.45 8.72
C TYR A 121 -10.31 5.27 8.27
N LYS A 122 -10.90 6.00 9.20
CA LYS A 122 -11.97 6.92 8.84
C LYS A 122 -11.42 8.05 7.97
N GLU A 123 -10.21 8.48 8.29
CA GLU A 123 -9.60 9.61 7.58
C GLU A 123 -8.88 9.21 6.30
N SER A 124 -8.61 7.92 6.14
CA SER A 124 -7.71 7.49 5.07
C SER A 124 -8.37 6.63 4.00
N PHE A 125 -9.37 5.85 4.41
CA PHE A 125 -9.94 4.84 3.52
C PHE A 125 -11.44 4.73 3.73
N ASN A 126 -12.07 3.84 2.97
CA ASN A 126 -13.50 3.56 3.17
C ASN A 126 -13.65 2.17 3.75
N ILE A 127 -13.91 2.10 5.05
CA ILE A 127 -14.12 0.81 5.68
C ILE A 127 -15.63 0.58 5.73
N TYR A 128 -16.11 -0.43 4.99
CA TYR A 128 -17.54 -0.71 4.96
C TYR A 128 -18.04 -1.20 6.31
N ALA A 129 -17.29 -2.10 6.92
CA ALA A 129 -17.69 -2.70 8.21
C ALA A 129 -16.47 -3.02 9.06
N TRP A 130 -16.63 -2.86 10.37
CA TRP A 130 -15.63 -3.26 11.37
C TRP A 130 -16.11 -4.47 12.17
N ASP A 131 -15.29 -5.52 12.23
CA ASP A 131 -15.48 -6.54 13.27
C ASP A 131 -14.90 -5.96 14.55
N VAL A 132 -15.74 -5.42 15.41
CA VAL A 132 -15.21 -4.78 16.63
C VAL A 132 -14.80 -5.83 17.65
N VAL A 133 -15.75 -6.66 18.05
CA VAL A 133 -15.50 -7.77 18.96
C VAL A 133 -15.54 -9.08 18.19
N ASN A 134 -14.55 -9.92 18.39
CA ASN A 134 -14.46 -11.23 17.74
C ASN A 134 -14.40 -12.35 18.79
N GLU A 135 -15.20 -13.40 18.60
CA GLU A 135 -15.14 -14.62 19.42
C GLU A 135 -15.29 -14.36 20.92
N ALA A 136 -16.39 -13.73 21.31
CA ALA A 136 -16.60 -13.36 22.71
C ALA A 136 -17.33 -14.45 23.52
N PHE A 137 -17.72 -15.54 22.88
CA PHE A 137 -18.47 -16.58 23.57
C PHE A 137 -17.78 -17.94 23.55
N ASN A 138 -18.14 -18.77 24.52
CA ASN A 138 -17.75 -20.19 24.55
C ASN A 138 -18.82 -21.03 23.87
N ASP A 139 -18.45 -22.23 23.45
CA ASP A 139 -19.39 -23.14 22.79
C ASP A 139 -20.67 -23.46 23.62
N ASN A 140 -20.58 -23.49 24.96
CA ASN A 140 -21.77 -23.76 25.76
C ASN A 140 -22.65 -22.54 26.01
N GLY A 141 -22.30 -21.42 25.40
CA GLY A 141 -23.13 -20.23 25.49
C GLY A 141 -22.79 -19.27 26.62
N THR A 142 -21.70 -19.52 27.33
CA THR A 142 -21.22 -18.58 28.34
C THR A 142 -20.27 -17.57 27.70
N TYR A 143 -20.00 -16.47 28.39
CA TYR A 143 -19.01 -15.51 27.91
C TYR A 143 -17.60 -16.09 28.00
N ARG A 144 -16.81 -15.94 26.95
CA ARG A 144 -15.40 -16.33 27.00
C ARG A 144 -14.67 -15.48 28.04
N GLU A 145 -13.95 -16.14 28.96
CA GLU A 145 -13.22 -15.42 30.00
C GLU A 145 -11.84 -14.93 29.54
N ASN A 146 -11.83 -14.03 28.55
CA ASN A 146 -10.63 -13.34 28.13
C ASN A 146 -10.29 -12.22 29.11
N VAL A 147 -9.27 -11.43 28.81
CA VAL A 147 -8.82 -10.43 29.78
C VAL A 147 -9.89 -9.36 30.09
N TRP A 148 -10.65 -8.95 29.08
CA TRP A 148 -11.67 -7.92 29.28
C TRP A 148 -12.82 -8.43 30.16
N TYR A 149 -13.27 -9.65 29.91
CA TYR A 149 -14.29 -10.26 30.77
C TYR A 149 -13.79 -10.37 32.20
N THR A 150 -12.59 -10.88 32.36
CA THR A 150 -12.00 -11.07 33.69
C THR A 150 -11.87 -9.75 34.46
N GLN A 151 -11.51 -8.69 33.76
CA GLN A 151 -11.25 -7.42 34.43
C GLN A 151 -12.45 -6.49 34.47
N LEU A 152 -13.37 -6.64 33.52
CA LEU A 152 -14.45 -5.66 33.39
C LEU A 152 -15.84 -6.28 33.39
N GLY A 153 -15.93 -7.61 33.36
CA GLY A 153 -17.22 -8.27 33.26
C GLY A 153 -17.80 -8.16 31.86
N PRO A 154 -18.98 -8.78 31.64
CA PRO A 154 -19.62 -8.92 30.33
C PRO A 154 -19.95 -7.57 29.66
N ASP A 155 -20.01 -6.51 30.45
CA ASP A 155 -20.35 -5.20 29.90
C ASP A 155 -19.34 -4.68 28.88
N TYR A 156 -18.15 -5.29 28.82
CA TYR A 156 -17.12 -4.79 27.92
C TYR A 156 -17.60 -4.87 26.47
N ILE A 157 -18.48 -5.82 26.19
CA ILE A 157 -18.89 -6.03 24.80
C ILE A 157 -19.75 -4.84 24.31
N PRO A 158 -20.89 -4.55 24.98
CA PRO A 158 -21.61 -3.35 24.50
C PRO A 158 -20.80 -2.05 24.66
N ASN A 159 -19.96 -1.95 25.69
CA ASN A 159 -19.17 -0.74 25.88
C ASN A 159 -18.20 -0.54 24.72
N ALA A 160 -17.62 -1.63 24.21
CA ALA A 160 -16.73 -1.55 23.06
C ALA A 160 -17.46 -1.00 21.83
N TYR A 161 -18.69 -1.47 21.62
CA TYR A 161 -19.50 -0.93 20.52
C TYR A 161 -19.88 0.52 20.78
N ALA A 162 -20.14 0.88 22.04
CA ALA A 162 -20.38 2.29 22.38
C ALA A 162 -19.17 3.15 21.98
N VAL A 163 -17.96 2.69 22.31
CA VAL A 163 -16.77 3.43 21.94
C VAL A 163 -16.65 3.55 20.43
N ALA A 164 -16.87 2.44 19.74
CA ALA A 164 -16.79 2.43 18.29
C ALA A 164 -17.79 3.41 17.67
N ARG A 165 -19.02 3.42 18.18
CA ARG A 165 -20.02 4.38 17.71
C ARG A 165 -19.56 5.83 17.88
N SER A 166 -18.87 6.11 18.99
CA SER A 166 -18.49 7.50 19.29
C SER A 166 -17.42 8.06 18.35
N VAL A 167 -16.74 7.19 17.60
CA VAL A 167 -15.78 7.65 16.60
C VAL A 167 -16.53 8.33 15.44
N ASN A 168 -17.82 8.02 15.29
CA ASN A 168 -18.64 8.57 14.20
C ASN A 168 -18.11 8.28 12.82
N THR A 169 -17.84 7.02 12.52
CA THR A 169 -17.47 6.61 11.18
C THR A 169 -18.74 6.20 10.45
N PRO A 170 -18.67 6.02 9.12
CA PRO A 170 -19.89 5.53 8.48
C PRO A 170 -19.87 4.01 8.34
N SER A 171 -18.95 3.39 9.07
CA SER A 171 -18.80 1.92 9.07
C SER A 171 -19.92 1.20 9.84
N LYS A 172 -20.41 0.11 9.25
CA LYS A 172 -21.25 -0.83 9.98
C LYS A 172 -20.42 -1.50 11.08
N LEU A 173 -21.01 -1.71 12.25
CA LEU A 173 -20.31 -2.38 13.33
C LEU A 173 -20.81 -3.81 13.43
N TYR A 174 -19.87 -4.74 13.34
CA TYR A 174 -20.20 -6.16 13.35
C TYR A 174 -19.65 -6.82 14.60
N ILE A 175 -20.32 -7.89 15.00
CA ILE A 175 -19.73 -8.84 15.94
C ILE A 175 -19.54 -10.15 15.17
N ASN A 176 -18.42 -10.84 15.41
CA ASN A 176 -18.01 -11.99 14.59
C ASN A 176 -17.76 -13.20 15.48
N ASP A 177 -18.10 -14.40 15.00
CA ASP A 177 -17.79 -15.61 15.78
C ASP A 177 -17.86 -16.84 14.90
N TYR A 178 -17.36 -17.97 15.42
CA TYR A 178 -17.45 -19.28 14.75
C TYR A 178 -18.27 -20.23 15.63
N ASN A 179 -18.72 -21.35 15.06
CA ASN A 179 -19.59 -22.32 15.75
C ASN A 179 -20.91 -21.71 16.19
N THR A 180 -21.25 -20.59 15.56
CA THR A 180 -22.53 -19.91 15.77
C THR A 180 -23.38 -19.95 14.50
N GLU A 181 -22.97 -20.76 13.54
CA GLU A 181 -23.66 -20.75 12.26
C GLU A 181 -24.97 -21.55 12.30
N GLY A 182 -25.00 -22.61 13.09
CA GLY A 182 -26.23 -23.35 13.29
C GLY A 182 -27.02 -22.84 14.49
N ILE A 183 -28.07 -23.56 14.84
CA ILE A 183 -28.85 -23.25 16.03
C ILE A 183 -28.30 -24.10 17.16
N ASN A 184 -27.66 -23.45 18.12
CA ASN A 184 -27.07 -24.15 19.25
C ASN A 184 -26.93 -23.18 20.43
N ASN A 185 -26.34 -23.65 21.53
CA ASN A 185 -26.12 -22.79 22.69
C ASN A 185 -25.34 -21.51 22.37
N LYS A 186 -24.33 -21.64 21.52
CA LYS A 186 -23.48 -20.51 21.21
C LYS A 186 -24.23 -19.45 20.39
N SER A 187 -24.93 -19.87 19.33
CA SER A 187 -25.72 -18.92 18.55
C SER A 187 -26.90 -18.34 19.35
N ASP A 188 -27.49 -19.13 20.25
CA ASP A 188 -28.52 -18.60 21.13
C ASP A 188 -27.98 -17.44 21.97
N ALA A 189 -26.81 -17.65 22.59
CA ALA A 189 -26.19 -16.63 23.42
C ALA A 189 -25.85 -15.38 22.60
N LEU A 190 -25.24 -15.59 21.44
CA LEU A 190 -24.93 -14.49 20.54
C LEU A 190 -26.18 -13.72 20.15
N LEU A 191 -27.24 -14.45 19.81
CA LEU A 191 -28.49 -13.80 19.39
C LEU A 191 -29.07 -12.92 20.51
N ALA A 192 -29.04 -13.40 21.74
CA ALA A 192 -29.60 -12.62 22.84
C ALA A 192 -28.82 -11.33 23.00
N VAL A 193 -27.49 -11.40 22.90
CA VAL A 193 -26.68 -10.20 23.05
C VAL A 193 -26.87 -9.27 21.86
N VAL A 194 -26.88 -9.81 20.66
CA VAL A 194 -27.14 -9.01 19.47
C VAL A 194 -28.53 -8.31 19.52
N GLN A 195 -29.55 -9.01 20.01
CA GLN A 195 -30.89 -8.41 20.06
C GLN A 195 -30.86 -7.18 20.97
N SER A 196 -30.17 -7.33 22.09
CA SER A 196 -30.01 -6.22 23.02
C SER A 196 -29.20 -5.08 22.41
N MET A 197 -28.05 -5.40 21.83
CA MET A 197 -27.19 -4.35 21.30
C MET A 197 -27.87 -3.65 20.13
N LYS A 198 -28.65 -4.39 19.34
CA LYS A 198 -29.33 -3.80 18.21
C LYS A 198 -30.40 -2.84 18.71
N ALA A 199 -31.11 -3.25 19.76
CA ALA A 199 -32.12 -2.39 20.36
C ALA A 199 -31.46 -1.08 20.80
N HIS A 200 -30.25 -1.19 21.36
CA HIS A 200 -29.56 -0.02 21.90
C HIS A 200 -28.73 0.71 20.85
N ASN A 201 -28.93 0.39 19.57
CA ASN A 201 -28.24 1.09 18.48
C ASN A 201 -26.71 0.89 18.48
N LEU A 202 -26.25 -0.25 19.02
CA LEU A 202 -24.82 -0.47 19.17
C LEU A 202 -24.20 -1.37 18.07
N VAL A 203 -24.98 -2.26 17.49
CA VAL A 203 -24.43 -3.15 16.47
C VAL A 203 -25.30 -3.15 15.21
N ASP A 204 -24.67 -3.35 14.06
CA ASP A 204 -25.38 -3.33 12.77
C ASP A 204 -25.44 -4.70 12.11
N GLY A 205 -24.39 -5.50 12.34
CA GLY A 205 -24.21 -6.72 11.59
C GLY A 205 -23.69 -7.86 12.44
N VAL A 206 -23.96 -9.08 11.99
CA VAL A 206 -23.36 -10.27 12.60
C VAL A 206 -22.57 -11.01 11.54
N GLY A 207 -21.31 -11.31 11.87
CA GLY A 207 -20.47 -12.11 11.00
C GLY A 207 -20.44 -13.58 11.40
N PHE A 208 -20.66 -14.47 10.44
CA PHE A 208 -20.55 -15.91 10.67
C PHE A 208 -19.31 -16.43 9.97
N GLN A 209 -18.32 -16.93 10.72
CA GLN A 209 -17.04 -17.28 10.10
C GLN A 209 -17.18 -18.42 9.07
N CYS A 210 -17.89 -19.49 9.43
CA CYS A 210 -18.12 -20.61 8.51
C CYS A 210 -16.83 -21.34 8.12
N HIS A 211 -16.01 -21.67 9.11
CA HIS A 211 -14.92 -22.65 8.94
C HIS A 211 -15.51 -24.06 9.04
N PHE A 212 -15.91 -24.64 7.91
CA PHE A 212 -16.67 -25.90 7.91
C PHE A 212 -15.81 -27.09 7.50
N PHE A 213 -16.25 -28.29 7.87
CA PHE A 213 -15.66 -29.53 7.36
C PHE A 213 -16.65 -30.13 6.37
N VAL A 214 -16.14 -30.59 5.23
CA VAL A 214 -17.00 -31.07 4.14
C VAL A 214 -18.01 -32.13 4.59
N GLY A 215 -19.26 -31.98 4.13
CA GLY A 215 -20.32 -32.89 4.46
C GLY A 215 -20.76 -32.85 5.90
N GLU A 216 -20.33 -31.83 6.65
CA GLU A 216 -20.67 -31.73 8.07
C GLU A 216 -21.11 -30.34 8.47
N LEU A 217 -21.88 -29.70 7.62
CA LEU A 217 -22.33 -28.35 7.92
C LEU A 217 -23.41 -28.42 9.02
N PRO A 218 -23.68 -27.29 9.69
CA PRO A 218 -24.75 -27.24 10.69
C PRO A 218 -26.09 -27.55 10.05
N PRO A 219 -26.92 -28.37 10.69
CA PRO A 219 -28.22 -28.79 10.14
C PRO A 219 -29.22 -27.66 9.88
N ASP A 220 -29.19 -26.61 10.69
CA ASP A 220 -30.19 -25.55 10.53
C ASP A 220 -29.53 -24.22 10.18
N LEU A 221 -28.57 -24.25 9.26
CA LEU A 221 -27.82 -23.06 8.85
C LEU A 221 -28.75 -21.90 8.42
N GLU A 222 -29.59 -22.12 7.41
CA GLU A 222 -30.47 -21.06 6.91
C GLU A 222 -31.44 -20.53 7.98
N GLN A 223 -32.00 -21.44 8.75
CA GLN A 223 -32.95 -21.07 9.79
C GLN A 223 -32.28 -20.19 10.86
N ASN A 224 -31.03 -20.48 11.17
CA ASN A 224 -30.29 -19.64 12.10
C ASN A 224 -29.98 -18.24 11.53
N PHE A 225 -29.50 -18.17 10.30
CA PHE A 225 -29.33 -16.88 9.62
C PHE A 225 -30.63 -16.08 9.71
N ALA A 226 -31.76 -16.75 9.47
CA ALA A 226 -33.05 -16.07 9.38
C ALA A 226 -33.45 -15.40 10.69
N ARG A 227 -33.11 -16.00 11.83
CA ARG A 227 -33.54 -15.40 13.08
C ARG A 227 -32.65 -14.22 13.51
N PHE A 228 -31.41 -14.16 13.03
CA PHE A 228 -30.59 -12.97 13.22
C PHE A 228 -31.12 -11.82 12.35
N VAL A 229 -31.52 -12.15 11.13
CA VAL A 229 -32.09 -11.16 10.23
C VAL A 229 -33.43 -10.65 10.80
N ALA A 230 -34.21 -11.56 11.41
CA ALA A 230 -35.46 -11.16 12.07
C ALA A 230 -35.19 -10.23 13.27
N ALA A 231 -34.00 -10.31 13.84
CA ALA A 231 -33.61 -9.41 14.93
C ALA A 231 -33.21 -8.03 14.39
N GLY A 232 -33.09 -7.90 13.08
CA GLY A 232 -32.90 -6.59 12.48
C GLY A 232 -31.46 -6.22 12.17
N VAL A 233 -30.57 -7.20 12.18
CA VAL A 233 -29.20 -6.93 11.75
C VAL A 233 -28.99 -7.46 10.34
N GLU A 234 -27.99 -6.92 9.64
CA GLU A 234 -27.53 -7.53 8.42
C GLU A 234 -26.54 -8.62 8.82
N ILE A 235 -26.29 -9.55 7.91
CA ILE A 235 -25.32 -10.59 8.18
C ILE A 235 -24.36 -10.73 7.01
N ALA A 236 -23.24 -11.38 7.28
CA ALA A 236 -22.27 -11.71 6.26
C ALA A 236 -21.57 -13.01 6.64
N VAL A 237 -21.18 -13.78 5.63
CA VAL A 237 -20.31 -14.92 5.82
C VAL A 237 -18.90 -14.38 5.73
N THR A 238 -18.12 -14.53 6.80
CA THR A 238 -16.88 -13.76 6.88
C THR A 238 -15.56 -14.50 6.64
N GLU A 239 -15.51 -15.81 6.87
CA GLU A 239 -14.22 -16.52 6.78
C GLU A 239 -14.40 -17.92 6.19
N LEU A 240 -15.19 -17.99 5.13
CA LEU A 240 -15.61 -19.28 4.61
C LEU A 240 -14.43 -20.13 4.12
N ASP A 241 -14.35 -21.36 4.61
CA ASP A 241 -13.60 -22.42 3.92
C ASP A 241 -14.21 -23.75 4.33
N ILE A 242 -14.07 -24.74 3.45
CA ILE A 242 -14.72 -26.01 3.68
C ILE A 242 -13.73 -27.12 3.42
N ARG A 243 -13.14 -27.60 4.52
CA ARG A 243 -11.95 -28.42 4.42
C ARG A 243 -12.28 -29.91 4.38
N MET A 244 -11.30 -30.69 3.95
CA MET A 244 -11.45 -32.15 3.84
C MET A 244 -10.11 -32.80 4.10
N ASN A 245 -10.10 -34.13 4.29
CA ASN A 245 -8.86 -34.86 4.45
C ASN A 245 -8.11 -34.98 3.13
N LEU A 246 -6.77 -34.91 3.20
CA LEU A 246 -5.92 -35.01 2.00
C LEU A 246 -5.32 -36.41 1.92
N PRO A 247 -5.10 -36.91 0.69
CA PRO A 247 -5.46 -36.30 -0.60
C PRO A 247 -6.96 -36.33 -0.85
N PRO A 248 -7.49 -35.36 -1.60
CA PRO A 248 -8.94 -35.24 -1.73
C PRO A 248 -9.57 -36.38 -2.53
N SER A 249 -10.59 -37.02 -1.98
CA SER A 249 -11.36 -38.01 -2.72
C SER A 249 -12.32 -37.31 -3.68
N GLN A 250 -12.75 -38.05 -4.69
CA GLN A 250 -13.71 -37.52 -5.65
C GLN A 250 -15.03 -37.19 -4.94
N ALA A 251 -15.44 -38.06 -4.03
CA ALA A 251 -16.67 -37.86 -3.29
C ALA A 251 -16.62 -36.58 -2.45
N ASP A 252 -15.48 -36.30 -1.82
CA ASP A 252 -15.38 -35.08 -1.01
C ASP A 252 -15.31 -33.82 -1.87
N ILE A 253 -14.65 -33.91 -3.01
CA ILE A 253 -14.61 -32.76 -3.91
C ILE A 253 -16.01 -32.41 -4.38
N GLU A 254 -16.79 -33.43 -4.75
CA GLU A 254 -18.17 -33.22 -5.18
C GLU A 254 -19.05 -32.67 -4.04
N GLN A 255 -18.94 -33.25 -2.86
CA GLN A 255 -19.71 -32.77 -1.71
C GLN A 255 -19.32 -31.33 -1.33
N GLN A 256 -18.04 -30.99 -1.48
CA GLN A 256 -17.60 -29.63 -1.19
C GLN A 256 -18.35 -28.62 -2.07
N ALA A 257 -18.52 -28.99 -3.34
CA ALA A 257 -19.29 -28.18 -4.25
C ALA A 257 -20.70 -27.96 -3.70
N ARG A 258 -21.33 -29.04 -3.22
CA ARG A 258 -22.68 -28.93 -2.69
C ARG A 258 -22.70 -28.05 -1.43
N ASP A 259 -21.66 -28.17 -0.60
CA ASP A 259 -21.57 -27.39 0.63
C ASP A 259 -21.40 -25.89 0.39
N TYR A 260 -20.53 -25.50 -0.55
CA TYR A 260 -20.47 -24.09 -0.94
C TYR A 260 -21.83 -23.58 -1.42
N ALA A 261 -22.52 -24.36 -2.23
CA ALA A 261 -23.84 -23.94 -2.71
C ALA A 261 -24.83 -23.80 -1.55
N THR A 262 -24.69 -24.65 -0.55
CA THR A 262 -25.58 -24.62 0.61
C THR A 262 -25.42 -23.31 1.38
N VAL A 263 -24.18 -22.89 1.56
CA VAL A 263 -23.87 -21.64 2.23
C VAL A 263 -24.37 -20.44 1.42
N VAL A 264 -24.12 -20.46 0.11
CA VAL A 264 -24.63 -19.38 -0.76
C VAL A 264 -26.15 -19.27 -0.68
N ASN A 265 -26.83 -20.41 -0.72
CA ASN A 265 -28.29 -20.43 -0.70
C ASN A 265 -28.86 -19.92 0.63
N ALA A 266 -28.19 -20.24 1.74
CA ALA A 266 -28.58 -19.75 3.06
C ALA A 266 -28.45 -18.22 3.14
N CYS A 267 -27.42 -17.69 2.49
CA CYS A 267 -27.25 -16.23 2.39
CA CYS A 267 -27.23 -16.25 2.34
C CYS A 267 -28.31 -15.59 1.48
N LYS A 268 -28.45 -16.12 0.27
CA LYS A 268 -29.44 -15.57 -0.66
C LYS A 268 -30.84 -15.61 -0.10
N ALA A 269 -31.15 -16.61 0.73
CA ALA A 269 -32.48 -16.73 1.32
C ALA A 269 -32.83 -15.50 2.17
N GLN A 270 -31.83 -14.77 2.65
CA GLN A 270 -32.07 -13.60 3.50
C GLN A 270 -32.25 -12.29 2.71
N GLY A 271 -32.18 -12.38 1.38
CA GLY A 271 -32.38 -11.20 0.55
C GLY A 271 -31.38 -10.09 0.86
N ALA A 272 -31.86 -8.86 0.93
CA ALA A 272 -30.96 -7.70 1.08
C ALA A 272 -30.22 -7.70 2.42
N ALA A 273 -30.70 -8.49 3.37
CA ALA A 273 -30.08 -8.50 4.70
C ALA A 273 -28.74 -9.26 4.73
N CYS A 274 -28.49 -10.12 3.76
CA CYS A 274 -27.18 -10.77 3.68
C CYS A 274 -26.35 -10.06 2.62
N VAL A 275 -25.27 -9.40 3.03
CA VAL A 275 -24.62 -8.45 2.14
C VAL A 275 -23.46 -9.00 1.35
N GLY A 276 -22.95 -10.17 1.74
CA GLY A 276 -21.79 -10.70 1.06
C GLY A 276 -21.17 -11.94 1.68
N ILE A 277 -20.25 -12.54 0.95
CA ILE A 277 -19.55 -13.74 1.36
C ILE A 277 -18.07 -13.53 1.14
N THR A 278 -17.27 -13.87 2.15
CA THR A 278 -15.81 -13.78 2.08
C THR A 278 -15.22 -15.15 2.35
N THR A 279 -14.32 -15.61 1.48
CA THR A 279 -13.61 -16.86 1.75
C THR A 279 -12.28 -16.54 2.44
N TRP A 280 -11.84 -17.41 3.35
CA TRP A 280 -10.63 -17.08 4.11
C TRP A 280 -9.37 -17.44 3.33
N GLY A 281 -9.15 -16.67 2.27
CA GLY A 281 -8.02 -16.87 1.37
C GLY A 281 -8.50 -16.96 -0.06
N ILE A 282 -7.56 -17.06 -0.99
CA ILE A 282 -7.92 -17.22 -2.38
C ILE A 282 -7.60 -18.64 -2.81
N THR A 283 -6.32 -19.03 -2.70
CA THR A 283 -5.85 -20.36 -3.11
C THR A 283 -5.52 -21.26 -1.92
N ASP A 284 -5.76 -22.56 -2.07
CA ASP A 284 -5.34 -23.59 -1.11
C ASP A 284 -3.85 -23.48 -0.72
N LEU A 285 -3.04 -22.97 -1.63
CA LEU A 285 -1.59 -22.95 -1.43
C LEU A 285 -1.16 -22.18 -0.17
N TYR A 286 -1.94 -21.18 0.22
CA TYR A 286 -1.60 -20.37 1.40
C TYR A 286 -2.63 -20.48 2.52
N SER A 287 -3.58 -21.41 2.38
CA SER A 287 -4.61 -21.58 3.41
C SER A 287 -4.00 -21.85 4.79
N TRP A 288 -4.61 -21.33 5.83
CA TRP A 288 -4.17 -21.63 7.19
C TRP A 288 -4.43 -23.10 7.58
N ILE A 289 -5.31 -23.80 6.86
CA ILE A 289 -5.76 -25.11 7.33
CA ILE A 289 -5.77 -25.12 7.31
C ILE A 289 -4.68 -26.20 7.40
N PRO A 290 -3.87 -26.38 6.33
CA PRO A 290 -2.96 -27.53 6.47
C PRO A 290 -1.87 -27.35 7.51
N SER A 291 -1.68 -26.14 8.02
CA SER A 291 -0.68 -25.93 9.05
C SER A 291 -1.31 -26.01 10.42
N THR A 292 -2.63 -25.87 10.47
CA THR A 292 -3.37 -25.94 11.73
C THR A 292 -3.94 -27.35 11.94
N TYR A 293 -4.47 -27.94 10.87
CA TYR A 293 -4.97 -29.33 10.90
C TYR A 293 -4.19 -30.18 9.93
N PRO A 294 -3.12 -30.82 10.40
CA PRO A 294 -2.27 -31.63 9.51
C PRO A 294 -3.09 -32.71 8.78
N GLY A 295 -2.84 -32.87 7.48
CA GLY A 295 -3.55 -33.85 6.69
C GLY A 295 -4.90 -33.38 6.18
N GLU A 296 -5.23 -32.11 6.42
CA GLU A 296 -6.47 -31.52 5.90
C GLU A 296 -6.16 -30.31 5.01
N GLY A 297 -7.04 -29.99 4.08
CA GLY A 297 -6.82 -28.88 3.18
C GLY A 297 -7.87 -28.86 2.08
N TYR A 298 -7.45 -28.40 0.91
CA TYR A 298 -8.29 -28.32 -0.28
C TYR A 298 -9.59 -27.59 0.05
N ALA A 299 -9.50 -26.52 0.85
CA ALA A 299 -10.71 -25.96 1.46
C ALA A 299 -11.27 -24.72 0.74
N LEU A 300 -10.49 -24.12 -0.16
CA LEU A 300 -10.87 -22.85 -0.79
C LEU A 300 -11.43 -23.09 -2.20
N LEU A 301 -11.59 -22.03 -2.99
CA LEU A 301 -12.23 -22.21 -4.29
C LEU A 301 -11.24 -22.40 -5.44
N PHE A 302 -9.96 -22.16 -5.17
CA PHE A 302 -8.90 -22.31 -6.18
C PHE A 302 -7.80 -23.17 -5.63
N ASP A 303 -7.25 -24.08 -6.43
CA ASP A 303 -6.25 -24.98 -5.86
C ASP A 303 -4.84 -24.39 -5.88
N ASP A 304 -3.87 -25.24 -5.57
CA ASP A 304 -2.47 -24.83 -5.52
C ASP A 304 -1.95 -24.24 -6.83
N ASN A 305 -2.63 -24.52 -7.94
CA ASN A 305 -2.22 -23.96 -9.23
C ASN A 305 -3.18 -22.88 -9.71
N TYR A 306 -4.05 -22.41 -8.81
CA TYR A 306 -5.09 -21.41 -9.13
C TYR A 306 -6.11 -21.93 -10.14
N VAL A 307 -6.20 -23.25 -10.28
CA VAL A 307 -7.27 -23.86 -11.05
C VAL A 307 -8.50 -24.00 -10.15
N PRO A 308 -9.66 -23.51 -10.60
CA PRO A 308 -10.84 -23.54 -9.74
C PRO A 308 -11.26 -24.97 -9.35
N HIS A 309 -11.66 -25.16 -8.09
CA HIS A 309 -12.34 -26.38 -7.65
C HIS A 309 -13.67 -26.52 -8.38
N PRO A 310 -14.22 -27.74 -8.48
CA PRO A 310 -15.62 -27.89 -8.90
C PRO A 310 -16.58 -27.02 -8.06
N ALA A 311 -16.19 -26.73 -6.82
CA ALA A 311 -16.97 -25.85 -5.95
C ALA A 311 -17.08 -24.45 -6.54
N PHE A 312 -16.14 -24.07 -7.39
CA PHE A 312 -16.19 -22.74 -8.00
C PHE A 312 -17.43 -22.62 -8.86
N ASN A 313 -17.60 -23.56 -9.78
CA ASN A 313 -18.77 -23.63 -10.64
C ASN A 313 -20.07 -23.71 -9.84
N ALA A 314 -20.08 -24.50 -8.78
CA ALA A 314 -21.28 -24.66 -7.96
C ALA A 314 -21.66 -23.34 -7.27
N THR A 315 -20.63 -22.58 -6.87
CA THR A 315 -20.82 -21.29 -6.21
C THR A 315 -21.38 -20.27 -7.21
N ILE A 316 -20.78 -20.19 -8.39
CA ILE A 316 -21.30 -19.33 -9.47
C ILE A 316 -22.77 -19.63 -9.74
N GLN A 317 -23.08 -20.91 -9.91
CA GLN A 317 -24.44 -21.31 -10.24
C GLN A 317 -25.44 -20.98 -9.13
N ALA A 318 -25.01 -21.12 -7.88
CA ALA A 318 -25.89 -20.85 -6.76
C ALA A 318 -26.13 -19.35 -6.60
N LEU A 319 -25.08 -18.56 -6.86
CA LEU A 319 -25.19 -17.11 -6.80
C LEU A 319 -26.14 -16.57 -7.87
N LEU A 320 -26.12 -17.16 -9.06
CA LEU A 320 -26.95 -16.70 -10.17
C LEU A 320 -28.39 -17.17 -10.05
N ALA A 321 -28.61 -18.27 -9.34
CA ALA A 321 -29.94 -18.87 -9.26
C ALA A 321 -30.66 -18.47 -7.98
N PRO B 1 8.64 -9.79 -36.50
CA PRO B 1 8.48 -10.24 -35.12
C PRO B 1 8.89 -9.21 -34.10
N THR B 2 8.22 -9.22 -32.95
CA THR B 2 8.64 -8.39 -31.86
C THR B 2 9.89 -8.98 -31.20
N SER B 3 10.26 -8.34 -30.12
CA SER B 3 11.47 -8.64 -29.36
C SER B 3 11.12 -8.50 -27.91
N PRO B 4 11.87 -9.19 -27.03
CA PRO B 4 11.69 -8.90 -25.60
C PRO B 4 12.25 -7.53 -25.16
N PHE B 5 12.73 -6.72 -26.09
CA PHE B 5 13.31 -5.42 -25.68
C PHE B 5 12.46 -4.24 -26.13
N GLU B 6 11.14 -4.36 -26.00
CA GLU B 6 10.28 -3.26 -26.39
C GLU B 6 9.69 -2.57 -25.17
N THR B 7 10.32 -2.78 -24.02
CA THR B 7 9.95 -2.06 -22.81
C THR B 7 11.18 -1.33 -22.30
N LEU B 8 10.95 -0.22 -21.60
CA LEU B 8 12.07 0.57 -21.11
C LEU B 8 12.88 -0.23 -20.09
N ARG B 9 12.18 -0.97 -19.22
CA ARG B 9 12.85 -1.72 -18.16
C ARG B 9 13.72 -2.84 -18.74
N ALA B 10 13.24 -3.51 -19.80
CA ALA B 10 14.05 -4.59 -20.39
C ALA B 10 15.27 -4.03 -21.13
N ALA B 11 15.10 -2.93 -21.85
CA ALA B 11 16.22 -2.34 -22.59
C ALA B 11 17.24 -1.68 -21.66
N ALA B 12 16.81 -1.19 -20.50
CA ALA B 12 17.70 -0.48 -19.59
C ALA B 12 18.66 -1.40 -18.81
N ALA B 13 18.26 -2.66 -18.59
CA ALA B 13 19.02 -3.61 -17.78
C ALA B 13 20.51 -3.60 -18.14
N PRO B 14 21.39 -3.55 -17.13
CA PRO B 14 21.12 -3.70 -15.69
C PRO B 14 20.80 -2.42 -14.93
N ARG B 15 20.66 -1.30 -15.62
CA ARG B 15 20.22 -0.07 -14.95
C ARG B 15 18.72 -0.16 -14.77
N TYR B 16 18.17 0.65 -13.87
CA TYR B 16 16.73 0.71 -13.76
C TYR B 16 16.18 1.83 -14.64
N PHE B 17 14.93 1.70 -15.01
CA PHE B 17 14.25 2.85 -15.62
C PHE B 17 12.99 3.09 -14.80
N GLY B 18 12.93 4.22 -14.09
CA GLY B 18 11.86 4.40 -13.12
C GLY B 18 10.90 5.54 -13.42
N ALA B 19 9.86 5.67 -12.59
CA ALA B 19 8.90 6.75 -12.78
C ALA B 19 8.46 7.31 -11.43
N ALA B 20 8.14 8.60 -11.39
CA ALA B 20 7.47 9.15 -10.23
C ALA B 20 6.05 8.61 -10.19
N LEU B 21 5.68 8.01 -9.06
CA LEU B 21 4.32 7.48 -8.90
C LEU B 21 3.59 8.22 -7.79
N GLY B 22 2.42 8.75 -8.10
CA GLY B 22 1.61 9.42 -7.09
C GLY B 22 0.49 8.50 -6.62
N VAL B 23 0.23 8.51 -5.33
CA VAL B 23 -0.84 7.70 -4.78
C VAL B 23 -2.19 7.89 -5.49
N PRO B 24 -2.60 9.14 -5.76
CA PRO B 24 -3.93 9.24 -6.38
C PRO B 24 -4.05 8.50 -7.71
N HIS B 25 -2.96 8.40 -8.44
CA HIS B 25 -2.97 7.73 -9.74
C HIS B 25 -2.94 6.20 -9.57
N LEU B 26 -2.15 5.73 -8.62
CA LEU B 26 -2.08 4.29 -8.33
C LEU B 26 -3.43 3.76 -7.90
N LEU B 27 -4.13 4.54 -7.07
CA LEU B 27 -5.43 4.11 -6.53
C LEU B 27 -6.58 4.34 -7.50
N ASN B 28 -6.26 4.87 -8.69
CA ASN B 28 -7.27 5.18 -9.71
C ASN B 28 -7.49 4.04 -10.70
N PHE B 29 -7.16 2.83 -10.29
CA PHE B 29 -7.07 1.72 -11.23
C PHE B 29 -8.40 1.36 -11.93
N THR B 30 -9.53 1.57 -11.27
CA THR B 30 -10.81 1.22 -11.92
C THR B 30 -11.22 2.26 -12.96
N HIS B 31 -10.68 3.47 -12.87
CA HIS B 31 -11.00 4.53 -13.84
C HIS B 31 -9.90 4.73 -14.88
N ASP B 32 -8.65 4.53 -14.47
CA ASP B 32 -7.51 4.67 -15.36
C ASP B 32 -6.53 3.51 -15.17
N PRO B 33 -6.90 2.30 -15.62
CA PRO B 33 -6.01 1.16 -15.37
C PRO B 33 -4.69 1.26 -16.12
N LEU B 34 -4.64 2.01 -17.21
CA LEU B 34 -3.39 2.12 -17.97
C LEU B 34 -2.21 2.70 -17.18
N PHE B 35 -2.50 3.51 -16.16
CA PHE B 35 -1.42 4.06 -15.35
C PHE B 35 -0.68 2.92 -14.65
N ASP B 36 -1.40 2.12 -13.87
CA ASP B 36 -0.75 1.02 -13.15
C ASP B 36 -0.21 -0.04 -14.13
N VAL B 37 -0.97 -0.32 -15.20
CA VAL B 37 -0.53 -1.31 -16.19
C VAL B 37 0.80 -0.90 -16.85
N THR B 38 0.87 0.36 -17.29
CA THR B 38 2.09 0.87 -17.91
C THR B 38 3.24 0.92 -16.92
N ALA B 39 2.94 1.20 -15.65
CA ALA B 39 3.98 1.19 -14.62
C ALA B 39 4.61 -0.20 -14.55
N VAL B 40 3.77 -1.23 -14.49
CA VAL B 40 4.27 -2.60 -14.35
C VAL B 40 5.00 -3.08 -15.60
N LEU B 41 4.44 -2.81 -16.77
CA LEU B 41 5.06 -3.26 -18.02
C LEU B 41 6.35 -2.54 -18.40
N GLN B 42 6.40 -1.23 -18.14
CA GLN B 42 7.47 -0.44 -18.71
C GLN B 42 8.59 -0.09 -17.75
N PHE B 43 8.29 0.01 -16.46
CA PHE B 43 9.23 0.58 -15.50
C PHE B 43 9.64 -0.41 -14.44
N ASN B 44 10.83 -0.22 -13.87
CA ASN B 44 11.22 -1.07 -12.74
C ASN B 44 11.91 -0.30 -11.63
N GLY B 45 11.57 0.97 -11.53
CA GLY B 45 12.00 1.81 -10.42
C GLY B 45 10.87 2.79 -10.11
N ALA B 46 10.83 3.30 -8.89
CA ALA B 46 9.81 4.28 -8.54
C ALA B 46 10.31 5.28 -7.50
N THR B 47 9.73 6.45 -7.55
CA THR B 47 9.97 7.53 -6.61
C THR B 47 8.58 8.05 -6.24
N PRO B 48 8.26 8.15 -4.95
CA PRO B 48 6.95 8.74 -4.62
C PRO B 48 6.90 10.20 -5.02
N GLU B 49 5.87 10.58 -5.76
CA GLU B 49 5.81 11.91 -6.34
C GLU B 49 5.68 13.01 -5.26
N ASN B 50 4.94 12.74 -4.19
CA ASN B 50 4.72 13.77 -3.16
C ASN B 50 4.68 13.25 -1.74
N GLU B 51 4.23 12.00 -1.57
CA GLU B 51 3.72 11.57 -0.26
C GLU B 51 4.79 11.32 0.81
N MET B 52 6.06 11.36 0.45
CA MET B 52 7.11 11.28 1.46
C MET B 52 7.68 12.66 1.79
N LYS B 53 7.18 13.70 1.13
CA LYS B 53 7.61 15.07 1.46
C LYS B 53 7.06 15.54 2.83
N TRP B 54 7.75 16.51 3.43
CA TRP B 54 7.56 16.86 4.84
C TRP B 54 6.10 17.21 5.20
N ALA B 55 5.47 18.04 4.37
CA ALA B 55 4.10 18.49 4.59
C ALA B 55 3.10 17.34 4.74
N TYR B 56 3.36 16.22 4.06
CA TYR B 56 2.46 15.07 4.12
C TYR B 56 2.84 14.09 5.22
N ILE B 57 4.14 13.84 5.35
CA ILE B 57 4.58 12.73 6.19
C ILE B 57 4.74 13.16 7.66
N GLU B 58 4.99 14.45 7.92
CA GLU B 58 4.94 14.96 9.30
C GLU B 58 4.13 16.26 9.36
N PRO B 59 2.80 16.15 9.25
CA PRO B 59 1.93 17.33 9.12
C PRO B 59 1.82 18.16 10.40
N GLU B 60 2.07 17.53 11.54
CA GLU B 60 2.18 18.25 12.81
C GLU B 60 3.42 17.75 13.52
N ARG B 61 3.99 18.54 14.41
CA ARG B 61 5.29 18.20 14.98
C ARG B 61 5.26 16.86 15.71
N ASN B 62 6.19 15.98 15.32
CA ASN B 62 6.32 14.64 15.89
C ASN B 62 5.08 13.77 15.70
N GLN B 63 4.22 14.15 14.77
CA GLN B 63 3.07 13.32 14.42
C GLN B 63 3.21 12.90 12.97
N PHE B 64 3.56 11.64 12.77
CA PHE B 64 3.93 11.19 11.43
C PHE B 64 2.79 10.47 10.74
N ASN B 65 2.72 10.65 9.43
CA ASN B 65 1.69 9.97 8.64
C ASN B 65 2.33 9.22 7.46
N PHE B 66 2.55 7.92 7.65
CA PHE B 66 3.29 7.13 6.69
C PHE B 66 2.41 6.50 5.62
N THR B 67 1.11 6.72 5.72
CA THR B 67 0.16 6.05 4.84
C THR B 67 0.50 6.21 3.34
N GLY B 68 0.73 7.45 2.90
CA GLY B 68 0.99 7.69 1.49
C GLY B 68 2.29 7.10 1.00
N GLY B 69 3.35 7.26 1.78
CA GLY B 69 4.65 6.74 1.41
C GLY B 69 4.65 5.23 1.41
N ASP B 70 3.93 4.63 2.36
CA ASP B 70 3.78 3.18 2.45
C ASP B 70 3.08 2.59 1.23
N ILE B 71 2.10 3.31 0.67
CA ILE B 71 1.40 2.81 -0.52
C ILE B 71 2.34 2.73 -1.72
N VAL B 72 3.13 3.79 -1.95
CA VAL B 72 4.09 3.78 -3.05
C VAL B 72 5.14 2.71 -2.83
N ALA B 73 5.65 2.63 -1.60
CA ALA B 73 6.68 1.65 -1.26
C ALA B 73 6.18 0.22 -1.42
N ALA B 74 4.93 -0.02 -1.05
CA ALA B 74 4.35 -1.36 -1.20
C ALA B 74 4.17 -1.75 -2.69
N PHE B 75 3.74 -0.80 -3.51
CA PHE B 75 3.62 -1.04 -4.95
C PHE B 75 4.99 -1.41 -5.52
N SER B 76 5.99 -0.65 -5.09
CA SER B 76 7.35 -0.89 -5.53
CA SER B 76 7.37 -0.87 -5.49
C SER B 76 7.84 -2.27 -5.06
N ALA B 77 7.59 -2.60 -3.80
CA ALA B 77 8.01 -3.91 -3.26
C ALA B 77 7.37 -5.07 -4.01
N ALA B 78 6.07 -4.94 -4.27
CA ALA B 78 5.32 -6.01 -4.93
C ALA B 78 5.90 -6.28 -6.31
N ASN B 79 6.40 -5.24 -6.96
CA ASN B 79 6.93 -5.34 -8.30
C ASN B 79 8.45 -5.50 -8.38
N ASP B 80 9.09 -5.66 -7.21
CA ASP B 80 10.55 -5.78 -7.10
C ASP B 80 11.28 -4.58 -7.72
N TYR B 81 10.71 -3.39 -7.52
CA TYR B 81 11.30 -2.15 -8.05
C TYR B 81 12.52 -1.68 -7.30
N VAL B 82 13.36 -0.88 -7.96
CA VAL B 82 14.31 -0.03 -7.25
C VAL B 82 13.57 1.21 -6.72
N LEU B 83 13.48 1.32 -5.39
CA LEU B 83 12.72 2.41 -4.78
C LEU B 83 13.61 3.54 -4.26
N ARG B 84 13.31 4.76 -4.69
CA ARG B 84 14.04 5.93 -4.22
C ARG B 84 13.16 6.75 -3.24
N GLY B 85 13.68 7.01 -2.05
CA GLY B 85 12.98 7.85 -1.09
C GLY B 85 13.25 9.30 -1.41
N HIS B 86 12.22 10.13 -1.28
CA HIS B 86 12.27 11.48 -1.79
C HIS B 86 11.15 12.31 -1.15
N ASN B 87 11.48 13.36 -0.40
CA ASN B 87 12.83 13.70 0.02
C ASN B 87 12.75 14.20 1.46
N LEU B 88 13.88 14.43 2.11
CA LEU B 88 13.84 14.69 3.55
C LEU B 88 13.93 16.16 3.93
N VAL B 89 14.78 16.91 3.23
CA VAL B 89 15.04 18.30 3.57
C VAL B 89 14.92 19.16 2.31
N TRP B 90 13.87 19.97 2.24
CA TRP B 90 13.53 20.74 1.04
C TRP B 90 12.72 21.98 1.45
N TYR B 91 12.94 23.10 0.78
CA TYR B 91 12.24 24.32 1.15
C TYR B 91 10.77 24.34 0.71
N GLN B 92 10.41 23.49 -0.24
CA GLN B 92 9.02 23.41 -0.66
C GLN B 92 8.29 22.21 -0.06
N GLU B 93 6.96 22.31 -0.04
CA GLU B 93 6.08 21.26 0.49
C GLU B 93 6.53 20.90 1.89
N LEU B 94 6.82 21.95 2.64
CA LEU B 94 7.24 21.85 4.02
C LEU B 94 6.05 22.11 4.94
N ALA B 95 5.90 21.30 5.99
CA ALA B 95 4.85 21.53 6.95
C ALA B 95 5.01 22.93 7.53
N PRO B 96 3.92 23.70 7.56
CA PRO B 96 3.93 25.11 8.01
C PRO B 96 4.50 25.32 9.42
N TRP B 97 4.44 24.31 10.27
CA TRP B 97 4.94 24.48 11.64
C TRP B 97 6.46 24.58 11.69
N VAL B 98 7.12 24.02 10.69
CA VAL B 98 8.58 24.01 10.64
C VAL B 98 9.16 25.41 10.47
N GLU B 99 8.54 26.23 9.64
CA GLU B 99 9.12 27.50 9.26
C GLU B 99 8.96 28.58 10.32
N THR B 100 8.44 28.20 11.48
CA THR B 100 8.33 29.11 12.62
C THR B 100 9.35 28.74 13.68
N LEU B 101 10.22 27.78 13.36
CA LEU B 101 11.19 27.27 14.30
C LEU B 101 12.57 27.90 14.10
N THR B 102 13.30 28.12 15.19
CA THR B 102 14.58 28.79 15.10
C THR B 102 15.68 28.00 15.81
N GLY B 103 16.93 28.26 15.39
CA GLY B 103 18.10 27.73 16.06
C GLY B 103 18.07 26.25 16.37
N GLU B 104 18.49 25.91 17.58
CA GLU B 104 18.65 24.52 17.98
C GLU B 104 17.34 23.74 17.95
N ASP B 105 16.23 24.46 18.11
CA ASP B 105 14.91 23.83 18.06
C ASP B 105 14.55 23.36 16.65
N LEU B 106 14.86 24.20 15.66
CA LEU B 106 14.67 23.82 14.27
C LEU B 106 15.51 22.59 13.96
N TRP B 107 16.77 22.61 14.39
CA TRP B 107 17.66 21.50 14.13
C TRP B 107 17.17 20.21 14.76
N ASN B 108 16.72 20.27 16.01
CA ASN B 108 16.17 19.09 16.68
C ASN B 108 14.92 18.54 15.96
N ALA B 109 14.09 19.43 15.42
CA ALA B 109 12.91 18.99 14.69
C ALA B 109 13.32 18.33 13.38
N THR B 110 14.42 18.81 12.80
CA THR B 110 14.92 18.27 11.54
C THR B 110 15.56 16.91 11.78
N VAL B 111 16.37 16.82 12.84
CA VAL B 111 16.98 15.54 13.20
C VAL B 111 15.91 14.47 13.45
N ASN B 112 14.88 14.84 14.20
CA ASN B 112 13.77 13.93 14.48
C ASN B 112 13.06 13.53 13.18
N HIS B 113 12.92 14.47 12.27
CA HIS B 113 12.27 14.17 10.99
C HIS B 113 13.09 13.15 10.21
N ILE B 114 14.39 13.40 10.07
CA ILE B 114 15.22 12.53 9.26
C ILE B 114 15.31 11.13 9.88
N THR B 115 15.58 11.05 11.18
CA THR B 115 15.75 9.74 11.80
C THR B 115 14.45 8.94 11.85
N THR B 116 13.34 9.58 12.19
CA THR B 116 12.06 8.87 12.28
C THR B 116 11.62 8.33 10.93
N VAL B 117 11.77 9.13 9.88
CA VAL B 117 11.32 8.68 8.55
C VAL B 117 12.23 7.57 8.03
N MET B 118 13.54 7.76 8.13
CA MET B 118 14.45 6.73 7.62
C MET B 118 14.34 5.42 8.41
N THR B 119 14.10 5.51 9.72
CA THR B 119 13.99 4.34 10.57
C THR B 119 12.77 3.54 10.19
N HIS B 120 11.67 4.24 9.97
CA HIS B 120 10.43 3.60 9.54
C HIS B 120 10.65 2.76 8.28
N TYR B 121 11.32 3.34 7.28
CA TYR B 121 11.45 2.64 6.00
C TYR B 121 12.56 1.63 6.04
N LYS B 122 13.53 1.83 6.92
CA LYS B 122 14.55 0.82 7.18
C LYS B 122 13.89 -0.48 7.66
N GLU B 123 12.88 -0.35 8.53
CA GLU B 123 12.26 -1.52 9.13
C GLU B 123 11.19 -2.18 8.26
N SER B 124 10.70 -1.48 7.25
CA SER B 124 9.53 -2.03 6.56
C SER B 124 9.69 -2.26 5.06
N PHE B 125 10.61 -1.55 4.41
CA PHE B 125 10.80 -1.68 2.96
C PHE B 125 12.27 -1.64 2.58
N ASN B 126 12.57 -1.79 1.30
CA ASN B 126 13.94 -1.62 0.83
C ASN B 126 14.09 -0.33 0.03
N ILE B 127 14.68 0.68 0.66
CA ILE B 127 14.94 1.94 -0.02
C ILE B 127 16.33 1.89 -0.62
N TYR B 128 16.44 1.95 -1.94
CA TYR B 128 17.77 1.89 -2.57
C TYR B 128 18.56 3.14 -2.25
N ALA B 129 17.88 4.28 -2.30
CA ALA B 129 18.52 5.57 -2.12
C ALA B 129 17.58 6.60 -1.50
N TRP B 130 18.16 7.49 -0.71
CA TRP B 130 17.43 8.61 -0.13
C TRP B 130 17.91 9.93 -0.72
N ASP B 131 17.00 10.72 -1.30
CA ASP B 131 17.30 12.14 -1.55
C ASP B 131 17.18 12.84 -0.18
N VAL B 132 18.30 13.08 0.49
CA VAL B 132 18.25 13.65 1.84
C VAL B 132 18.04 15.17 1.75
N VAL B 133 18.95 15.87 1.08
CA VAL B 133 18.80 17.29 0.85
C VAL B 133 18.42 17.52 -0.61
N ASN B 134 17.40 18.36 -0.85
CA ASN B 134 16.95 18.66 -2.21
C ASN B 134 16.98 20.17 -2.49
N GLU B 135 17.57 20.56 -3.62
CA GLU B 135 17.51 21.94 -4.12
C GLU B 135 18.06 22.94 -3.11
N ALA B 136 19.32 22.73 -2.73
CA ALA B 136 19.95 23.55 -1.69
C ALA B 136 20.64 24.80 -2.25
N PHE B 137 20.65 24.93 -3.56
CA PHE B 137 21.43 26.00 -4.17
C PHE B 137 20.61 26.96 -5.02
N ASN B 138 21.01 28.22 -5.05
CA ASN B 138 20.45 29.19 -5.99
C ASN B 138 21.00 28.95 -7.38
N ASP B 139 20.30 29.44 -8.40
CA ASP B 139 20.73 29.23 -9.77
C ASP B 139 22.08 29.88 -10.08
N ASN B 140 22.55 30.79 -9.21
CA ASN B 140 23.88 31.38 -9.39
C ASN B 140 24.97 30.72 -8.56
N GLY B 141 24.60 29.65 -7.83
CA GLY B 141 25.60 28.90 -7.09
C GLY B 141 25.61 29.14 -5.58
N THR B 142 25.09 30.28 -5.15
CA THR B 142 25.02 30.57 -3.72
C THR B 142 24.01 29.63 -3.04
N TYR B 143 24.15 29.47 -1.73
CA TYR B 143 23.20 28.67 -0.95
C TYR B 143 21.82 29.30 -0.97
N ARG B 144 20.79 28.48 -1.18
CA ARG B 144 19.41 28.93 -1.09
C ARG B 144 19.05 29.35 0.34
N GLU B 145 18.33 30.48 0.47
CA GLU B 145 18.02 31.10 1.77
C GLU B 145 16.88 30.42 2.57
N ASN B 146 16.82 29.08 2.54
CA ASN B 146 15.73 28.41 3.24
C ASN B 146 15.90 28.51 4.74
N VAL B 147 14.96 27.93 5.48
CA VAL B 147 14.95 28.14 6.93
C VAL B 147 16.20 27.55 7.60
N TRP B 148 16.71 26.44 7.09
CA TRP B 148 17.89 25.83 7.69
C TRP B 148 19.16 26.65 7.46
N TYR B 149 19.35 27.15 6.24
CA TYR B 149 20.57 27.91 5.97
C TYR B 149 20.59 29.18 6.79
N THR B 150 19.44 29.84 6.87
CA THR B 150 19.30 31.08 7.62
C THR B 150 19.60 30.88 9.10
N GLN B 151 19.10 29.78 9.64
CA GLN B 151 19.25 29.52 11.07
C GLN B 151 20.56 28.84 11.41
N LEU B 152 21.15 28.12 10.46
CA LEU B 152 22.25 27.23 10.80
C LEU B 152 23.51 27.39 9.95
N GLY B 153 23.41 28.11 8.84
CA GLY B 153 24.54 28.27 7.94
C GLY B 153 24.76 27.02 7.09
N PRO B 154 25.80 27.04 6.24
CA PRO B 154 26.03 25.97 5.25
C PRO B 154 26.20 24.56 5.84
N ASP B 155 26.59 24.44 7.10
CA ASP B 155 26.86 23.12 7.67
C ASP B 155 25.61 22.26 7.85
N TYR B 156 24.42 22.84 7.66
CA TYR B 156 23.18 22.07 7.80
C TYR B 156 23.14 20.93 6.77
N ILE B 157 23.76 21.17 5.63
CA ILE B 157 23.78 20.14 4.58
C ILE B 157 24.60 18.95 5.06
N PRO B 158 25.92 19.12 5.34
CA PRO B 158 26.61 17.90 5.77
C PRO B 158 26.10 17.37 7.10
N ASN B 159 25.61 18.24 7.97
CA ASN B 159 25.02 17.78 9.22
C ASN B 159 23.82 16.86 8.99
N ALA B 160 23.01 17.17 7.98
CA ALA B 160 21.86 16.34 7.64
C ALA B 160 22.31 14.96 7.19
N TYR B 161 23.37 14.91 6.39
CA TYR B 161 23.88 13.63 5.94
C TYR B 161 24.51 12.82 7.07
N ALA B 162 25.16 13.49 8.03
CA ALA B 162 25.69 12.75 9.17
C ALA B 162 24.54 12.16 10.01
N VAL B 163 23.43 12.88 10.12
CA VAL B 163 22.27 12.35 10.82
C VAL B 163 21.74 11.14 10.04
N ALA B 164 21.67 11.25 8.71
CA ALA B 164 21.19 10.15 7.88
C ALA B 164 22.12 8.93 7.97
N ARG B 165 23.43 9.18 7.97
CA ARG B 165 24.42 8.12 8.17
C ARG B 165 24.22 7.40 9.50
N SER B 166 23.83 8.14 10.53
CA SER B 166 23.72 7.55 11.87
C SER B 166 22.55 6.60 12.00
N VAL B 167 21.63 6.64 11.04
CA VAL B 167 20.48 5.75 11.08
C VAL B 167 20.94 4.35 10.71
N ASN B 168 22.10 4.25 10.06
CA ASN B 168 22.68 2.96 9.72
C ASN B 168 21.80 2.14 8.80
N THR B 169 21.30 2.77 7.74
CA THR B 169 20.49 2.08 6.74
C THR B 169 21.39 1.56 5.62
N PRO B 170 20.88 0.63 4.81
CA PRO B 170 21.65 0.22 3.63
C PRO B 170 21.47 1.17 2.43
N SER B 171 20.76 2.27 2.62
CA SER B 171 20.43 3.17 1.51
C SER B 171 21.59 4.05 1.08
N LYS B 172 21.75 4.26 -0.22
CA LYS B 172 22.66 5.31 -0.72
C LYS B 172 22.10 6.68 -0.35
N LEU B 173 22.95 7.57 0.11
CA LEU B 173 22.51 8.93 0.39
C LEU B 173 22.84 9.81 -0.79
N TYR B 174 21.79 10.41 -1.36
CA TYR B 174 21.95 11.31 -2.49
C TYR B 174 21.68 12.75 -2.12
N ILE B 175 22.25 13.65 -2.91
CA ILE B 175 21.85 15.04 -2.94
C ILE B 175 21.27 15.28 -4.33
N ASN B 176 20.20 16.07 -4.40
CA ASN B 176 19.43 16.20 -5.64
C ASN B 176 19.26 17.67 -5.99
N ASP B 177 19.29 18.01 -7.28
CA ASP B 177 19.03 19.40 -7.69
C ASP B 177 18.74 19.51 -9.18
N TYR B 178 18.29 20.68 -9.60
CA TYR B 178 18.03 20.97 -11.02
C TYR B 178 18.94 22.10 -11.50
N ASN B 179 19.02 22.28 -12.82
CA ASN B 179 19.91 23.26 -13.46
C ASN B 179 21.38 23.07 -13.07
N THR B 180 21.72 21.84 -12.71
CA THR B 180 23.06 21.45 -12.34
C THR B 180 23.57 20.43 -13.34
N GLU B 181 22.82 20.23 -14.42
CA GLU B 181 23.12 19.19 -15.39
C GLU B 181 24.33 19.52 -16.27
N GLY B 182 24.45 20.79 -16.68
CA GLY B 182 25.61 21.22 -17.43
C GLY B 182 26.70 21.77 -16.52
N ILE B 183 27.83 22.13 -17.10
CA ILE B 183 28.89 22.78 -16.33
C ILE B 183 28.59 24.27 -16.21
N ASN B 184 28.28 24.72 -15.00
CA ASN B 184 27.90 26.11 -14.78
C ASN B 184 28.13 26.46 -13.32
N ASN B 185 27.75 27.67 -12.91
CA ASN B 185 28.00 28.09 -11.53
C ASN B 185 27.25 27.25 -10.50
N LYS B 186 26.07 26.78 -10.87
CA LYS B 186 25.28 25.97 -9.94
C LYS B 186 25.91 24.60 -9.74
N SER B 187 26.29 23.93 -10.82
CA SER B 187 26.91 22.62 -10.69
C SER B 187 28.33 22.70 -10.08
N ASP B 188 29.06 23.78 -10.35
CA ASP B 188 30.36 23.99 -9.71
C ASP B 188 30.20 24.02 -8.19
N ALA B 189 29.21 24.75 -7.70
CA ALA B 189 28.94 24.84 -6.27
C ALA B 189 28.53 23.49 -5.68
N LEU B 190 27.63 22.80 -6.36
CA LEU B 190 27.20 21.47 -5.94
C LEU B 190 28.39 20.52 -5.87
N LEU B 191 29.23 20.57 -6.90
CA LEU B 191 30.40 19.71 -7.01
C LEU B 191 31.35 19.91 -5.84
N ALA B 192 31.60 21.17 -5.49
CA ALA B 192 32.45 21.50 -4.35
C ALA B 192 31.90 20.93 -3.04
N VAL B 193 30.58 20.99 -2.87
CA VAL B 193 29.97 20.47 -1.64
C VAL B 193 29.99 18.95 -1.62
N VAL B 194 29.72 18.34 -2.77
CA VAL B 194 29.78 16.89 -2.88
C VAL B 194 31.21 16.40 -2.60
N GLN B 195 32.20 17.11 -3.14
CA GLN B 195 33.60 16.77 -2.91
C GLN B 195 33.94 16.86 -1.43
N SER B 196 33.45 17.92 -0.80
CA SER B 196 33.63 18.12 0.62
C SER B 196 32.95 17.01 1.42
N MET B 197 31.70 16.69 1.06
CA MET B 197 30.98 15.66 1.78
C MET B 197 31.58 14.29 1.52
N LYS B 198 32.05 14.06 0.30
CA LYS B 198 32.71 12.80 -0.03
C LYS B 198 33.98 12.62 0.81
N ALA B 199 34.71 13.71 1.02
CA ALA B 199 35.91 13.71 1.85
C ALA B 199 35.62 13.27 3.30
N HIS B 200 34.36 13.42 3.71
CA HIS B 200 33.92 13.03 5.05
C HIS B 200 32.97 11.83 5.01
N ASN B 201 33.00 11.11 3.89
CA ASN B 201 32.24 9.87 3.72
C ASN B 201 30.73 10.06 3.95
N LEU B 202 30.22 11.25 3.66
CA LEU B 202 28.83 11.58 4.00
C LEU B 202 27.80 11.43 2.86
N VAL B 203 28.27 11.32 1.62
CA VAL B 203 27.34 11.27 0.49
C VAL B 203 27.77 10.17 -0.48
N ASP B 204 26.78 9.50 -1.08
CA ASP B 204 27.06 8.39 -1.99
C ASP B 204 26.73 8.73 -3.43
N GLY B 205 25.77 9.61 -3.61
CA GLY B 205 25.19 9.81 -4.93
C GLY B 205 24.76 11.23 -5.19
N VAL B 206 24.75 11.61 -6.47
CA VAL B 206 24.17 12.89 -6.89
C VAL B 206 23.04 12.64 -7.89
N GLY B 207 21.89 13.27 -7.63
CA GLY B 207 20.75 13.17 -8.52
C GLY B 207 20.63 14.43 -9.37
N PHE B 208 20.53 14.23 -10.67
CA PHE B 208 20.30 15.34 -11.61
C PHE B 208 18.84 15.30 -12.05
N GLN B 209 18.07 16.31 -11.70
CA GLN B 209 16.63 16.26 -11.97
C GLN B 209 16.35 16.19 -13.48
N CYS B 210 17.09 16.95 -14.28
CA CYS B 210 16.89 16.94 -15.74
C CYS B 210 15.47 17.34 -16.17
N HIS B 211 14.96 18.43 -15.61
CA HIS B 211 13.76 19.05 -16.17
C HIS B 211 14.19 19.98 -17.29
N PHE B 212 14.25 19.45 -18.51
CA PHE B 212 14.78 20.21 -19.64
C PHE B 212 13.66 20.79 -20.50
N PHE B 213 14.01 21.84 -21.26
CA PHE B 213 13.18 22.29 -22.38
C PHE B 213 13.77 21.70 -23.65
N VAL B 214 12.91 21.22 -24.53
CA VAL B 214 13.39 20.58 -25.76
C VAL B 214 14.40 21.49 -26.50
N GLY B 215 15.48 20.88 -26.99
CA GLY B 215 16.50 21.58 -27.75
C GLY B 215 17.41 22.45 -26.91
N GLU B 216 17.24 22.38 -25.59
CA GLU B 216 18.01 23.26 -24.72
C GLU B 216 18.78 22.48 -23.66
N LEU B 217 19.22 21.28 -24.02
CA LEU B 217 20.08 20.52 -23.12
C LEU B 217 21.47 21.18 -23.08
N PRO B 218 22.14 21.11 -21.94
CA PRO B 218 23.48 21.70 -21.94
C PRO B 218 24.40 20.91 -22.86
N PRO B 219 25.27 21.61 -23.59
CA PRO B 219 26.16 20.92 -24.53
C PRO B 219 27.24 20.10 -23.83
N ASP B 220 27.48 20.37 -22.55
CA ASP B 220 28.51 19.63 -21.79
C ASP B 220 27.92 18.69 -20.72
N LEU B 221 26.73 18.16 -21.00
CA LEU B 221 26.06 17.20 -20.11
C LEU B 221 26.95 16.02 -19.72
N GLU B 222 27.50 15.31 -20.70
CA GLU B 222 28.29 14.11 -20.40
C GLU B 222 29.57 14.46 -19.63
N GLN B 223 30.21 15.55 -20.04
CA GLN B 223 31.40 16.03 -19.34
C GLN B 223 31.09 16.37 -17.88
N ASN B 224 29.95 17.01 -17.64
CA ASN B 224 29.57 17.33 -16.27
C ASN B 224 29.28 16.04 -15.45
N PHE B 225 28.54 15.10 -16.04
CA PHE B 225 28.28 13.82 -15.36
C PHE B 225 29.61 13.15 -14.97
N ALA B 226 30.56 13.18 -15.89
CA ALA B 226 31.86 12.52 -15.68
C ALA B 226 32.67 13.10 -14.52
N ARG B 227 32.64 14.42 -14.34
CA ARG B 227 33.43 14.98 -13.26
C ARG B 227 32.80 14.70 -11.90
N PHE B 228 31.50 14.44 -11.85
CA PHE B 228 30.87 14.04 -10.60
C PHE B 228 31.24 12.60 -10.28
N VAL B 229 31.18 11.75 -11.30
CA VAL B 229 31.61 10.37 -11.14
C VAL B 229 33.09 10.36 -10.73
N ALA B 230 33.87 11.27 -11.30
CA ALA B 230 35.30 11.38 -10.99
C ALA B 230 35.54 11.73 -9.52
N ALA B 231 34.55 12.36 -8.89
CA ALA B 231 34.67 12.72 -7.49
C ALA B 231 34.27 11.56 -6.58
N GLY B 232 33.97 10.41 -7.18
CA GLY B 232 33.70 9.21 -6.39
C GLY B 232 32.26 8.98 -5.99
N VAL B 233 31.31 9.64 -6.65
CA VAL B 233 29.92 9.33 -6.36
C VAL B 233 29.28 8.60 -7.52
N GLU B 234 28.18 7.91 -7.23
CA GLU B 234 27.35 7.38 -8.28
C GLU B 234 26.38 8.49 -8.67
N ILE B 235 25.81 8.39 -9.86
CA ILE B 235 24.84 9.39 -10.26
C ILE B 235 23.59 8.72 -10.81
N ALA B 236 22.51 9.50 -10.86
CA ALA B 236 21.25 9.07 -11.42
C ALA B 236 20.53 10.28 -12.00
N VAL B 237 19.79 10.03 -13.06
CA VAL B 237 18.87 11.02 -13.57
C VAL B 237 17.54 10.79 -12.84
N THR B 238 17.09 11.80 -12.09
CA THR B 238 16.05 11.55 -11.10
C THR B 238 14.65 12.03 -11.45
N GLU B 239 14.50 13.06 -12.30
CA GLU B 239 13.16 13.61 -12.57
C GLU B 239 12.98 14.01 -14.04
N LEU B 240 13.44 13.17 -14.96
CA LEU B 240 13.53 13.56 -16.36
C LEU B 240 12.18 13.90 -16.99
N ASP B 241 12.10 15.08 -17.58
CA ASP B 241 11.07 15.37 -18.57
C ASP B 241 11.58 16.48 -19.48
N ILE B 242 11.11 16.47 -20.72
CA ILE B 242 11.65 17.36 -21.72
C ILE B 242 10.49 18.04 -22.43
N ARG B 243 10.19 19.26 -21.98
CA ARG B 243 8.94 19.91 -22.32
C ARG B 243 9.05 20.80 -23.55
N MET B 244 7.89 21.21 -24.07
CA MET B 244 7.83 22.00 -25.30
C MET B 244 6.51 22.77 -25.32
N ASN B 245 6.43 23.81 -26.14
CA ASN B 245 5.16 24.50 -26.36
C ASN B 245 4.12 23.60 -27.01
N LEU B 246 2.86 23.80 -26.65
CA LEU B 246 1.74 23.05 -27.20
C LEU B 246 0.96 23.91 -28.22
N PRO B 247 0.37 23.29 -29.23
CA PRO B 247 0.52 21.89 -29.63
C PRO B 247 1.93 21.61 -30.16
N PRO B 248 2.42 20.38 -30.03
CA PRO B 248 3.81 20.11 -30.35
C PRO B 248 4.12 20.22 -31.85
N SER B 249 5.19 20.90 -32.20
CA SER B 249 5.63 20.95 -33.60
C SER B 249 6.36 19.66 -33.96
N GLN B 250 6.37 19.33 -35.26
CA GLN B 250 7.14 18.20 -35.74
C GLN B 250 8.60 18.35 -35.38
N ALA B 251 9.12 19.58 -35.41
CA ALA B 251 10.53 19.78 -35.12
C ALA B 251 10.80 19.49 -33.64
N ASP B 252 9.92 19.94 -32.75
CA ASP B 252 10.14 19.72 -31.31
C ASP B 252 9.96 18.25 -30.95
N ILE B 253 9.00 17.58 -31.59
CA ILE B 253 8.82 16.15 -31.39
C ILE B 253 10.09 15.36 -31.74
N GLU B 254 10.70 15.68 -32.87
CA GLU B 254 11.93 14.98 -33.30
C GLU B 254 13.11 15.34 -32.43
N GLN B 255 13.24 16.61 -32.06
CA GLN B 255 14.33 17.03 -31.19
C GLN B 255 14.19 16.38 -29.81
N GLN B 256 12.95 16.22 -29.33
CA GLN B 256 12.73 15.55 -28.04
C GLN B 256 13.27 14.12 -28.07
N ALA B 257 13.05 13.43 -29.17
CA ALA B 257 13.58 12.08 -29.34
C ALA B 257 15.11 12.12 -29.25
N ARG B 258 15.74 13.07 -29.92
CA ARG B 258 17.20 13.18 -29.85
C ARG B 258 17.69 13.53 -28.44
N ASP B 259 16.94 14.37 -27.73
CA ASP B 259 17.28 14.79 -26.37
C ASP B 259 17.20 13.62 -25.37
N TYR B 260 16.13 12.84 -25.44
CA TYR B 260 16.08 11.64 -24.58
C TYR B 260 17.28 10.73 -24.85
N ALA B 261 17.62 10.52 -26.13
CA ALA B 261 18.77 9.67 -26.44
C ALA B 261 20.07 10.29 -25.93
N THR B 262 20.17 11.62 -25.96
CA THR B 262 21.37 12.29 -25.45
C THR B 262 21.56 12.04 -23.97
N VAL B 263 20.47 12.13 -23.21
CA VAL B 263 20.51 11.89 -21.78
C VAL B 263 20.88 10.44 -21.51
N VAL B 264 20.30 9.50 -22.25
CA VAL B 264 20.65 8.08 -22.08
C VAL B 264 22.14 7.86 -22.35
N ASN B 265 22.63 8.47 -23.42
CA ASN B 265 24.03 8.33 -23.80
C ASN B 265 24.97 8.90 -22.73
N ALA B 266 24.61 10.05 -22.17
CA ALA B 266 25.46 10.67 -21.15
C ALA B 266 25.52 9.77 -19.91
N CYS B 267 24.40 9.11 -19.61
CA CYS B 267 24.35 8.15 -18.51
CA CYS B 267 24.32 8.13 -18.55
C CYS B 267 25.25 6.94 -18.81
N LYS B 268 25.02 6.28 -19.94
CA LYS B 268 25.77 5.07 -20.27
C LYS B 268 27.26 5.32 -20.40
N ALA B 269 27.66 6.55 -20.74
CA ALA B 269 29.07 6.85 -20.86
C ALA B 269 29.77 6.75 -19.49
N GLN B 270 28.99 6.69 -18.42
CA GLN B 270 29.54 6.66 -17.06
C GLN B 270 29.69 5.23 -16.54
N GLY B 271 29.35 4.25 -17.37
CA GLY B 271 29.38 2.87 -16.96
C GLY B 271 28.53 2.58 -15.73
N ALA B 272 29.09 1.78 -14.83
CA ALA B 272 28.36 1.30 -13.66
C ALA B 272 28.02 2.42 -12.68
N ALA B 273 28.68 3.57 -12.83
CA ALA B 273 28.51 4.72 -11.95
C ALA B 273 27.17 5.44 -12.17
N CYS B 274 26.59 5.30 -13.35
CA CYS B 274 25.24 5.82 -13.56
C CYS B 274 24.26 4.67 -13.41
N VAL B 275 23.44 4.70 -12.36
CA VAL B 275 22.69 3.51 -11.99
C VAL B 275 21.27 3.46 -12.55
N GLY B 276 20.75 4.58 -13.02
CA GLY B 276 19.42 4.58 -13.58
C GLY B 276 18.85 5.93 -13.97
N ILE B 277 17.73 5.85 -14.65
CA ILE B 277 17.02 7.02 -15.14
C ILE B 277 15.58 6.92 -14.67
N THR B 278 15.06 8.04 -14.14
CA THR B 278 13.66 8.14 -13.73
C THR B 278 12.98 9.30 -14.46
N THR B 279 11.81 9.06 -15.05
CA THR B 279 11.05 10.17 -15.65
C THR B 279 10.06 10.66 -14.61
N TRP B 280 9.77 11.95 -14.63
CA TRP B 280 8.91 12.52 -13.60
C TRP B 280 7.45 12.35 -13.98
N GLY B 281 7.02 11.09 -13.97
CA GLY B 281 5.68 10.72 -14.39
C GLY B 281 5.73 9.58 -15.37
N ILE B 282 4.56 9.08 -15.72
CA ILE B 282 4.40 8.11 -16.78
C ILE B 282 3.80 8.78 -18.01
N THR B 283 2.60 9.32 -17.86
CA THR B 283 1.88 9.94 -18.98
C THR B 283 1.80 11.47 -18.84
N ASP B 284 1.84 12.15 -19.97
CA ASP B 284 1.65 13.59 -20.08
C ASP B 284 0.38 14.05 -19.34
N LEU B 285 -0.59 13.14 -19.26
CA LEU B 285 -1.92 13.48 -18.78
C LEU B 285 -1.88 14.07 -17.39
N TYR B 286 -0.94 13.60 -16.57
CA TYR B 286 -0.84 14.00 -15.17
C TYR B 286 0.46 14.75 -14.87
N SER B 287 1.22 15.08 -15.90
CA SER B 287 2.47 15.80 -15.73
C SER B 287 2.24 17.12 -15.00
N TRP B 288 3.17 17.51 -14.13
CA TRP B 288 3.10 18.81 -13.45
C TRP B 288 3.27 19.98 -14.42
N ILE B 289 3.80 19.72 -15.61
CA ILE B 289 4.20 20.84 -16.48
C ILE B 289 3.05 21.76 -16.96
N PRO B 290 1.97 21.21 -17.56
CA PRO B 290 0.92 22.12 -18.05
C PRO B 290 0.32 23.04 -17.00
N SER B 291 0.35 22.63 -15.73
CA SER B 291 -0.27 23.46 -14.70
C SER B 291 0.73 24.46 -14.12
N THR B 292 2.02 24.23 -14.35
CA THR B 292 3.04 25.16 -13.92
C THR B 292 3.39 26.15 -15.04
N TYR B 293 3.70 25.62 -16.22
CA TYR B 293 3.97 26.44 -17.39
C TYR B 293 2.83 26.34 -18.40
N PRO B 294 1.84 27.24 -18.29
CA PRO B 294 0.69 27.15 -19.18
C PRO B 294 1.09 27.20 -20.66
N GLY B 295 0.50 26.32 -21.46
CA GLY B 295 0.83 26.25 -22.86
C GLY B 295 2.03 25.35 -23.15
N GLU B 296 2.58 24.71 -22.13
CA GLU B 296 3.68 23.75 -22.33
C GLU B 296 3.28 22.36 -21.88
N GLY B 297 3.95 21.34 -22.42
CA GLY B 297 3.62 19.98 -22.05
C GLY B 297 4.33 18.98 -22.93
N TYR B 298 3.65 17.86 -23.21
CA TYR B 298 4.17 16.79 -24.05
C TYR B 298 5.59 16.38 -23.64
N ALA B 299 5.84 16.30 -22.34
CA ALA B 299 7.22 16.19 -21.86
C ALA B 299 7.70 14.77 -21.54
N LEU B 300 6.76 13.84 -21.39
CA LEU B 300 7.11 12.50 -20.90
C LEU B 300 7.22 11.54 -22.08
N LEU B 301 7.27 10.24 -21.83
CA LEU B 301 7.42 9.30 -22.94
C LEU B 301 6.09 8.72 -23.44
N PHE B 302 5.01 8.95 -22.70
CA PHE B 302 3.70 8.44 -23.09
C PHE B 302 2.72 9.59 -23.12
N ASP B 303 1.89 9.66 -24.17
CA ASP B 303 1.02 10.82 -24.31
C ASP B 303 -0.28 10.63 -23.52
N ASP B 304 -1.21 11.55 -23.74
CA ASP B 304 -2.49 11.56 -23.01
C ASP B 304 -3.29 10.27 -23.15
N ASN B 305 -3.07 9.52 -24.22
CA ASN B 305 -3.76 8.25 -24.43
C ASN B 305 -2.84 7.03 -24.21
N TYR B 306 -1.70 7.27 -23.58
CA TYR B 306 -0.66 6.26 -23.28
C TYR B 306 0.00 5.70 -24.54
N VAL B 307 -0.14 6.42 -25.64
CA VAL B 307 0.61 6.11 -26.85
C VAL B 307 2.00 6.69 -26.70
N PRO B 308 3.03 5.87 -26.94
CA PRO B 308 4.41 6.36 -26.77
C PRO B 308 4.74 7.50 -27.73
N HIS B 309 5.47 8.51 -27.25
CA HIS B 309 6.11 9.51 -28.10
C HIS B 309 7.13 8.83 -29.01
N PRO B 310 7.51 9.49 -30.12
CA PRO B 310 8.67 9.01 -30.88
C PRO B 310 9.94 8.91 -30.02
N ALA B 311 10.05 9.78 -29.02
CA ALA B 311 11.15 9.69 -28.04
C ALA B 311 11.25 8.34 -27.33
N PHE B 312 10.14 7.61 -27.27
CA PHE B 312 10.15 6.26 -26.67
C PHE B 312 11.02 5.33 -27.51
N ASN B 313 10.77 5.28 -28.82
CA ASN B 313 11.62 4.49 -29.71
C ASN B 313 13.09 4.88 -29.61
N ALA B 314 13.37 6.18 -29.57
CA ALA B 314 14.74 6.68 -29.50
C ALA B 314 15.40 6.32 -28.18
N THR B 315 14.62 6.31 -27.11
CA THR B 315 15.17 5.95 -25.80
C THR B 315 15.55 4.48 -25.76
N ILE B 316 14.66 3.62 -26.24
CA ILE B 316 14.94 2.19 -26.33
C ILE B 316 16.20 1.92 -27.16
N GLN B 317 16.31 2.56 -28.32
CA GLN B 317 17.46 2.32 -29.20
C GLN B 317 18.75 2.77 -28.52
N ALA B 318 18.69 3.87 -27.79
CA ALA B 318 19.87 4.38 -27.09
C ALA B 318 20.25 3.47 -25.93
N LEU B 319 19.26 2.99 -25.17
CA LEU B 319 19.55 2.02 -24.11
C LEU B 319 20.19 0.74 -24.67
N LEU B 320 19.77 0.32 -25.87
CA LEU B 320 20.30 -0.92 -26.44
C LEU B 320 21.68 -0.79 -27.07
N ALA B 321 22.04 0.42 -27.50
CA ALA B 321 23.28 0.61 -28.24
C ALA B 321 24.46 0.81 -27.30
C1 NAG C . 5.69 -16.22 -3.23
C2 NAG C . 5.24 -16.99 -1.99
C3 NAG C . 5.98 -18.31 -1.89
C4 NAG C . 5.85 -19.10 -3.17
C5 NAG C . 6.26 -18.24 -4.37
C6 NAG C . 6.02 -18.92 -5.70
C7 NAG C . 4.40 -15.59 -0.18
C8 NAG C . 4.73 -14.86 1.10
N2 NAG C . 5.41 -16.23 -0.77
O3 NAG C . 5.43 -19.05 -0.80
O4 NAG C . 6.73 -20.22 -3.09
O5 NAG C . 5.52 -17.02 -4.38
O6 NAG C . 6.96 -18.46 -6.66
O7 NAG C . 3.27 -15.57 -0.66
C1 NAG C . 6.00 -21.44 -3.09
C2 NAG C . 7.02 -22.58 -3.20
C3 NAG C . 6.34 -23.93 -3.08
C4 NAG C . 5.42 -23.98 -1.87
C5 NAG C . 4.49 -22.75 -1.85
C6 NAG C . 3.65 -22.68 -0.60
C7 NAG C . 8.99 -21.97 -4.53
C8 NAG C . 9.61 -21.96 -5.90
N2 NAG C . 7.76 -22.49 -4.44
O3 NAG C . 7.34 -24.93 -2.97
O4 NAG C . 4.56 -25.11 -2.01
O5 NAG C . 5.29 -21.57 -1.89
O6 NAG C . 4.47 -22.72 0.56
O7 NAG C . 9.57 -21.52 -3.55
C1 BMA C . 4.88 -26.15 -1.11
C2 BMA C . 3.61 -26.94 -0.93
C3 BMA C . 3.84 -28.19 -0.10
C4 BMA C . 5.08 -28.97 -0.57
C5 BMA C . 6.28 -28.04 -0.72
C6 BMA C . 7.48 -28.77 -1.28
O2 BMA C . 3.15 -27.38 -2.20
O3 BMA C . 2.70 -29.07 -0.16
O4 BMA C . 5.40 -29.93 0.39
O5 BMA C . 5.92 -26.98 -1.61
O6 BMA C . 8.47 -27.77 -1.56
C1 MAN C . 2.02 -29.09 1.11
C2 MAN C . 1.01 -30.25 1.11
C3 MAN C . -0.06 -29.93 0.06
C4 MAN C . -0.74 -28.59 0.37
C5 MAN C . 0.33 -27.47 0.48
C6 MAN C . -0.25 -26.13 0.92
O2 MAN C . 0.35 -30.31 2.35
O3 MAN C . -1.04 -30.95 -0.06
O4 MAN C . -1.66 -28.28 -0.67
O5 MAN C . 1.38 -27.85 1.43
O6 MAN C . 0.86 -25.23 1.08
C1 MAN C . 0.47 -31.60 2.97
C2 MAN C . -0.56 -31.68 4.14
C3 MAN C . -0.09 -30.80 5.31
C4 MAN C . 1.34 -31.13 5.69
C5 MAN C . 2.22 -30.93 4.45
C6 MAN C . 3.70 -31.14 4.70
O2 MAN C . -0.65 -33.01 4.62
O3 MAN C . -0.94 -30.86 6.46
O4 MAN C . 1.77 -30.26 6.73
O5 MAN C . 1.78 -31.86 3.44
O6 MAN C . 4.24 -29.87 5.07
C1 MAN C . 9.72 -28.42 -1.82
C2 MAN C . 10.81 -27.34 -1.83
C3 MAN C . 10.49 -26.43 -3.04
C4 MAN C . 10.51 -27.24 -4.33
C5 MAN C . 9.40 -28.32 -4.23
C6 MAN C . 9.35 -29.24 -5.44
O2 MAN C . 12.07 -27.95 -2.04
O3 MAN C . 11.21 -25.16 -3.22
O4 MAN C . 10.28 -26.37 -5.44
O5 MAN C . 9.67 -29.14 -3.04
O6 MAN C . 10.69 -29.68 -5.69
C1 MAN C . 12.30 -24.85 -2.35
C2 MAN C . 11.84 -23.91 -1.20
C3 MAN C . 13.03 -23.60 -0.28
C4 MAN C . 14.36 -23.84 -1.00
C5 MAN C . 14.21 -23.35 -2.44
C6 MAN C . 15.52 -23.26 -3.21
O2 MAN C . 10.83 -24.51 -0.39
O3 MAN C . 12.97 -24.36 0.91
O4 MAN C . 15.42 -23.14 -0.36
O5 MAN C . 13.36 -24.28 -3.13
O6 MAN C . 15.21 -23.07 -4.58
C1 MAN C . 10.78 -30.53 -6.84
C2 MAN C . 12.25 -30.96 -6.93
C3 MAN C . 13.09 -29.75 -7.35
C4 MAN C . 12.54 -29.07 -8.61
C5 MAN C . 11.06 -28.73 -8.42
C6 MAN C . 10.42 -28.15 -9.68
O2 MAN C . 12.42 -31.98 -7.90
O3 MAN C . 14.46 -30.08 -7.51
O4 MAN C . 13.24 -27.85 -8.83
O5 MAN C . 10.34 -29.93 -8.04
O6 MAN C . 9.02 -28.37 -9.62
C1 NAG D . 5.38 -2.20 11.11
C2 NAG D . 6.69 -2.84 11.59
C3 NAG D . 7.51 -3.34 10.41
C4 NAG D . 6.66 -4.22 9.48
C5 NAG D . 5.40 -3.45 9.09
C6 NAG D . 4.46 -4.23 8.20
C7 NAG D . 7.57 -1.89 13.68
C8 NAG D . 6.80 -2.95 14.40
N2 NAG D . 7.47 -1.88 12.35
O3 NAG D . 8.61 -4.10 10.90
O4 NAG D . 7.46 -4.44 8.32
O5 NAG D . 4.68 -3.11 10.28
O6 NAG D . 4.09 -5.47 8.79
O7 NAG D . 8.25 -1.05 14.28
C1 NAG D . 7.49 -5.83 7.96
C2 NAG D . 8.19 -5.86 6.60
C3 NAG D . 8.40 -7.31 6.16
C4 NAG D . 9.11 -8.11 7.25
C5 NAG D . 8.36 -7.95 8.58
C6 NAG D . 9.07 -8.60 9.74
C7 NAG D . 6.27 -5.38 5.10
C8 NAG D . 5.74 -4.43 4.07
N2 NAG D . 7.48 -5.08 5.59
O3 NAG D . 9.20 -7.29 4.97
O4 NAG D . 9.14 -9.48 6.91
O5 NAG D . 8.26 -6.55 8.91
O6 NAG D . 10.35 -8.00 9.96
O7 NAG D . 5.64 -6.36 5.47
C1 BMA D . 10.51 -9.95 6.90
C2 BMA D . 10.45 -11.45 6.64
C3 BMA D . 11.89 -11.99 6.43
C4 BMA D . 12.70 -11.13 5.45
C5 BMA D . 12.64 -9.68 5.85
C6 BMA D . 13.30 -8.80 4.82
O2 BMA D . 9.73 -11.68 5.44
O3 BMA D . 11.91 -13.35 5.99
O4 BMA D . 14.06 -11.54 5.44
O5 BMA D . 11.27 -9.30 5.91
O6 BMA D . 12.93 -9.32 3.52
C1 MAN D . 12.97 -8.25 2.57
C2 MAN D . 12.30 -8.69 1.28
C3 MAN D . 13.14 -9.82 0.64
C4 MAN D . 14.65 -9.46 0.58
C5 MAN D . 15.16 -8.94 1.93
C6 MAN D . 16.57 -8.38 1.83
O2 MAN D . 12.31 -7.60 0.37
O3 MAN D . 12.72 -10.04 -0.67
O4 MAN D . 15.41 -10.60 0.21
O5 MAN D . 14.30 -7.86 2.32
O6 MAN D . 16.54 -7.49 0.71
C1 MAN D . 11.76 -11.10 -0.72
C2 MAN D . 11.97 -11.78 -2.05
C3 MAN D . 11.67 -10.76 -3.14
C4 MAN D . 10.24 -10.19 -2.98
C5 MAN D . 10.04 -9.62 -1.55
C6 MAN D . 8.59 -9.19 -1.29
O2 MAN D . 11.04 -12.84 -2.21
O3 MAN D . 11.85 -11.27 -4.43
O4 MAN D . 10.05 -9.15 -3.94
O5 MAN D . 10.43 -10.63 -0.57
O6 MAN D . 8.58 -8.04 -0.43
C1 MAN D . 11.65 -14.07 -1.75
C2 MAN D . 11.05 -15.28 -2.52
C3 MAN D . 9.65 -15.63 -1.98
C4 MAN D . 9.61 -15.68 -0.44
C5 MAN D . 10.22 -14.39 0.17
C6 MAN D . 10.27 -14.39 1.69
O2 MAN D . 11.85 -16.43 -2.34
O3 MAN D . 9.21 -16.88 -2.52
O4 MAN D . 8.26 -15.85 0.02
O5 MAN D . 11.57 -14.23 -0.34
O6 MAN D . 10.96 -13.22 2.12
C1 MAN D . 17.84 -6.95 0.43
C2 MAN D . 17.60 -5.64 -0.32
C3 MAN D . 16.88 -5.99 -1.61
C4 MAN D . 17.72 -6.95 -2.45
C5 MAN D . 18.05 -8.20 -1.62
C6 MAN D . 19.02 -9.13 -2.34
O2 MAN D . 18.85 -5.12 -0.73
O3 MAN D . 16.59 -4.82 -2.38
O4 MAN D . 17.01 -7.33 -3.60
O5 MAN D . 18.64 -7.82 -0.34
O6 MAN D . 19.81 -9.81 -1.37
C1 MAN D . 19.18 -3.96 0.06
C2 MAN D . 20.24 -3.18 -0.71
C3 MAN D . 21.56 -3.96 -0.70
C4 MAN D . 21.95 -4.37 0.72
C5 MAN D . 20.80 -5.12 1.43
C6 MAN D . 21.09 -5.45 2.89
O2 MAN D . 20.50 -1.93 -0.10
O3 MAN D . 22.60 -3.23 -1.31
O4 MAN D . 23.10 -5.21 0.67
O5 MAN D . 19.60 -4.30 1.37
O6 MAN D . 19.95 -6.08 3.45
C1 MAN D . 11.18 -14.23 6.87
C2 MAN D . 11.80 -14.24 8.30
C3 MAN D . 13.05 -15.15 8.37
C4 MAN D . 12.86 -16.47 7.59
C5 MAN D . 12.35 -16.15 6.17
C6 MAN D . 12.19 -17.37 5.29
O2 MAN D . 10.86 -14.73 9.25
O3 MAN D . 13.43 -15.44 9.73
O4 MAN D . 14.09 -17.19 7.52
O5 MAN D . 11.07 -15.51 6.32
O6 MAN D . 12.81 -17.09 4.04
C1 NAG E . -18.69 -23.55 29.59
C2 NAG E . -18.48 -23.95 31.04
C3 NAG E . -17.38 -23.07 31.68
C4 NAG E . -16.14 -22.94 30.78
C5 NAG E . -16.50 -22.73 29.31
C6 NAG E . -15.32 -22.91 28.40
C7 NAG E . -20.56 -24.84 32.02
C8 NAG E . -20.14 -26.17 31.49
N2 NAG E . -19.72 -23.81 31.79
O3 NAG E . -17.00 -23.64 32.93
O4 NAG E . -15.43 -21.75 31.14
O5 NAG E . -17.48 -23.69 28.88
O6 NAG E . -14.85 -24.25 28.43
O7 NAG E . -21.61 -24.67 32.63
C1 NAG E . -14.20 -21.97 31.86
C2 NAG E . -13.21 -20.84 31.51
C3 NAG E . -11.95 -20.96 32.37
C4 NAG E . -12.31 -21.02 33.86
C5 NAG E . -13.32 -22.14 34.08
C6 NAG E . -13.82 -22.22 35.51
C7 NAG E . -13.26 -19.93 29.21
C8 NAG E . -12.77 -20.12 27.81
N2 NAG E . -12.85 -20.86 30.10
O3 NAG E . -11.08 -19.86 32.09
O4 NAG E . -11.16 -21.33 34.64
O5 NAG E . -14.47 -21.94 33.25
O6 NAG E . -14.98 -23.03 35.59
O7 NAG E . -13.99 -19.00 29.53
C1 BMA E . -10.52 -20.27 35.42
C2 BMA E . -10.67 -18.84 34.91
C3 BMA E . -9.46 -18.10 35.47
C4 BMA E . -9.54 -18.10 37.01
C5 BMA E . -9.62 -19.55 37.56
C6 BMA E . -9.86 -19.62 39.07
O2 BMA E . -11.82 -18.22 35.47
O3 BMA E . -9.27 -16.78 34.93
O4 BMA E . -8.41 -17.43 37.56
O5 BMA E . -10.66 -20.31 36.85
O6 BMA E . -9.32 -20.85 39.59
C1 MAN E . -8.50 -16.73 33.69
C2 MAN E . -7.75 -18.05 33.31
C3 MAN E . -6.50 -17.71 32.51
C4 MAN E . -5.54 -16.78 33.28
C5 MAN E . -6.32 -15.82 34.20
C6 MAN E . -5.62 -14.47 34.35
O2 MAN E . -8.55 -18.89 32.49
O3 MAN E . -6.82 -17.15 31.22
O4 MAN E . -4.64 -17.57 34.05
O5 MAN E . -7.63 -15.60 33.64
O6 MAN E . -6.23 -13.77 35.44
C1 NAG F . -8.55 8.77 -12.83
C2 NAG F . -7.85 10.12 -12.86
C3 NAG F . -8.67 11.15 -13.62
C4 NAG F . -9.07 10.61 -15.00
C5 NAG F . -9.75 9.25 -14.82
C6 NAG F . -10.16 8.61 -16.12
C7 NAG F . -6.39 10.54 -10.91
C8 NAG F . -6.31 11.12 -9.54
N2 NAG F . -7.59 10.62 -11.51
O3 NAG F . -7.89 12.33 -13.76
O4 NAG F . -9.98 11.52 -15.58
O5 NAG F . -8.85 8.35 -14.16
O6 NAG F . -9.03 8.38 -16.96
O7 NAG F . -5.42 10.02 -11.46
C1 NAG F . -9.39 12.32 -16.62
C2 NAG F . -10.56 12.99 -17.34
C3 NAG F . -10.05 13.91 -18.47
C4 NAG F . -8.97 14.85 -17.94
C5 NAG F . -7.90 14.05 -17.19
C6 NAG F . -6.83 14.91 -16.56
C7 NAG F . -12.67 11.74 -17.31
C8 NAG F . -13.49 10.68 -17.96
N2 NAG F . -11.48 12.00 -17.87
O3 NAG F . -11.18 14.61 -18.96
O4 NAG F . -8.28 15.56 -18.96
O5 NAG F . -8.51 13.29 -16.14
O6 NAG F . -7.40 15.89 -15.69
O7 NAG F . -13.07 12.34 -16.31
C1 BMA F . -9.07 16.24 -19.96
C2 BMA F . -10.00 17.30 -19.35
C3 BMA F . -10.55 18.14 -20.47
C4 BMA F . -9.42 18.98 -21.05
C5 BMA F . -8.13 18.13 -21.31
C6 BMA F . -6.96 18.60 -20.52
O2 BMA F . -9.29 18.15 -18.46
O3 BMA F . -11.63 18.95 -20.05
O4 BMA F . -9.82 19.61 -22.27
O5 BMA F . -8.30 16.69 -21.08
O6 BMA F . -6.06 19.07 -21.50
C1 MAN F . -5.06 19.87 -20.86
C2 MAN F . -4.29 20.46 -22.01
C3 MAN F . -3.53 19.33 -22.72
C4 MAN F . -2.68 18.49 -21.74
C5 MAN F . -3.58 17.97 -20.60
C6 MAN F . -2.80 17.22 -19.53
O2 MAN F . -3.34 21.36 -21.50
O3 MAN F . -2.70 19.83 -23.76
O4 MAN F . -2.12 17.39 -22.42
O5 MAN F . -4.25 19.08 -19.98
O6 MAN F . -3.69 16.91 -18.43
C1 MAN F . -3.41 22.59 -22.22
C2 MAN F . -2.27 23.45 -21.73
C3 MAN F . -2.49 23.72 -20.26
C4 MAN F . -3.89 24.38 -20.00
C5 MAN F . -5.04 23.63 -20.77
C6 MAN F . -6.31 24.48 -20.89
O2 MAN F . -2.30 24.71 -22.38
O3 MAN F . -1.45 24.53 -19.75
O4 MAN F . -4.17 24.59 -18.57
O5 MAN F . -4.65 23.26 -22.10
O6 MAN F . -6.95 24.49 -19.62
C1 MAN F . -4.56 23.50 -17.67
C2 MAN F . -3.35 22.91 -16.89
C3 MAN F . -3.52 21.39 -16.74
C4 MAN F . -4.92 21.01 -16.24
C5 MAN F . -6.02 21.61 -17.16
C6 MAN F . -7.06 22.43 -16.40
O2 MAN F . -3.34 23.45 -15.58
O3 MAN F . -2.52 20.82 -15.88
O4 MAN F . -5.06 19.59 -16.21
O5 MAN F . -5.41 22.45 -18.18
O6 MAN F . -7.56 21.65 -15.33
C1 NAG G . -2.55 10.64 6.23
C2 NAG G . -3.76 11.58 6.41
C3 NAG G . -4.95 11.09 5.58
C4 NAG G . -4.53 10.80 4.14
C5 NAG G . -3.33 9.87 4.15
C6 NAG G . -2.81 9.55 2.77
C7 NAG G . -4.10 12.77 8.53
C8 NAG G . -3.64 14.00 7.81
N2 NAG G . -4.13 11.64 7.82
O3 NAG G . -5.97 12.09 5.60
O4 NAG G . -5.61 10.15 3.49
O5 NAG G . -2.26 10.49 4.86
O6 NAG G . -2.33 10.70 2.10
O7 NAG G . -4.43 12.79 9.73
C1 NAG G . -5.95 10.76 2.24
C2 NAG G . -7.01 9.87 1.64
C3 NAG G . -7.58 10.47 0.36
C4 NAG G . -8.01 11.91 0.59
C5 NAG G . -6.88 12.71 1.23
C6 NAG G . -7.25 14.13 1.58
C7 NAG G . -5.55 8.18 0.57
C8 NAG G . -5.23 6.71 0.48
N2 NAG G . -6.54 8.51 1.42
O3 NAG G . -8.70 9.69 -0.04
O4 NAG G . -8.34 12.49 -0.66
O5 NAG G . -6.49 12.08 2.45
O6 NAG G . -8.18 14.17 2.65
O7 NAG G . -4.94 9.01 -0.09
C1 BMA G . -9.70 12.93 -0.64
C2 BMA G . -9.92 13.73 -1.92
C3 BMA G . -11.40 14.12 -2.04
C4 BMA G . -12.32 12.91 -1.81
C5 BMA G . -11.97 12.21 -0.48
C6 BMA G . -12.76 10.95 -0.26
O2 BMA G . -9.59 12.92 -3.06
O3 BMA G . -11.67 14.72 -3.31
O4 BMA G . -13.67 13.34 -1.76
O5 BMA G . -10.59 11.83 -0.53
O6 BMA G . -12.62 10.16 -1.44
C1 MAN G . -12.92 8.78 -1.17
C2 MAN G . -12.70 7.98 -2.45
C3 MAN G . -13.78 8.36 -3.48
C4 MAN G . -15.20 8.30 -2.88
C5 MAN G . -15.30 9.05 -1.55
C6 MAN G . -16.63 8.81 -0.85
O2 MAN G . -12.84 6.59 -2.16
O3 MAN G . -13.79 7.48 -4.56
O4 MAN G . -16.13 8.86 -3.82
O5 MAN G . -14.23 8.56 -0.68
O6 MAN G . -16.71 7.40 -0.68
C1 MAN G . -12.94 7.94 -5.61
C2 MAN G . -13.60 7.44 -6.88
C3 MAN G . -13.54 5.90 -6.87
C4 MAN G . -12.11 5.41 -6.71
C5 MAN G . -11.45 6.01 -5.46
C6 MAN G . -9.97 5.66 -5.39
O2 MAN G . -12.88 7.87 -8.02
O3 MAN G . -14.09 5.37 -8.06
O4 MAN G . -12.10 3.97 -6.59
O5 MAN G . -11.59 7.48 -5.49
O6 MAN G . -9.49 5.98 -4.08
C1 MAN G . -13.53 9.01 -8.60
C2 MAN G . -13.15 9.07 -10.09
C3 MAN G . -11.71 9.60 -10.25
C4 MAN G . -11.42 10.82 -9.36
C5 MAN G . -11.82 10.52 -7.91
C6 MAN G . -11.58 11.68 -6.95
O2 MAN G . -14.02 9.95 -10.80
O3 MAN G . -11.45 9.92 -11.61
O4 MAN G . -10.03 11.15 -9.40
O5 MAN G . -13.23 10.20 -7.91
O6 MAN G . -11.83 11.22 -5.62
C1 MAN G . -17.95 6.99 -0.10
C2 MAN G . -17.84 5.49 0.27
C3 MAN G . -17.70 4.71 -1.00
C4 MAN G . -18.90 4.97 -1.91
C5 MAN G . -19.00 6.47 -2.20
C6 MAN G . -20.24 6.84 -3.00
O2 MAN G . -19.07 5.04 0.83
O3 MAN G . -17.57 3.30 -0.73
O4 MAN G . -18.76 4.26 -3.13
O5 MAN G . -19.04 7.21 -0.96
O6 MAN G . -20.45 8.25 -2.83
C1 MAN G . -18.95 4.95 2.26
C2 MAN G . -20.09 4.08 2.81
C3 MAN G . -21.40 4.86 2.78
C4 MAN G . -21.25 6.23 3.45
C5 MAN G . -20.11 7.01 2.76
C6 MAN G . -19.85 8.38 3.36
O2 MAN G . -19.84 3.73 4.15
O3 MAN G . -22.46 4.14 3.40
O4 MAN G . -22.46 6.94 3.35
O5 MAN G . -18.89 6.24 2.87
O6 MAN G . -18.47 8.71 3.13
C1 NAG H . 29.75 32.64 -11.69
C2 NAG H . 29.30 34.06 -12.00
C3 NAG H . 30.51 34.92 -12.39
C4 NAG H . 31.61 34.82 -11.34
C5 NAG H . 31.93 33.36 -11.07
C6 NAG H . 32.95 33.13 -9.97
C7 NAG H . 27.01 34.21 -12.86
C8 NAG H . 26.59 34.41 -11.44
N2 NAG H . 28.32 34.05 -13.07
O3 NAG H . 30.09 36.27 -12.53
O4 NAG H . 32.77 35.49 -11.81
O5 NAG H . 30.74 32.66 -10.68
O6 NAG H . 33.67 31.92 -10.17
O7 NAG H . 26.20 34.19 -13.78
C1 NAG H . 33.26 36.46 -10.86
C2 NAG H . 34.71 36.83 -11.20
C3 NAG H . 35.27 37.79 -10.16
C4 NAG H . 34.36 39.00 -10.00
C5 NAG H . 32.92 38.55 -9.73
C6 NAG H . 31.94 39.70 -9.69
C7 NAG H . 35.95 35.13 -12.46
C8 NAG H . 36.79 33.89 -12.37
N2 NAG H . 35.53 35.64 -11.29
O3 NAG H . 36.57 38.21 -10.55
O4 NAG H . 34.83 39.81 -8.93
O5 NAG H . 32.47 37.66 -10.76
O6 NAG H . 31.43 39.90 -8.38
O7 NAG H . 35.68 35.65 -13.53
UNK UNX I . -2.29 -9.15 6.54
C1 NAG J . -26.36 -25.18 27.10
C2 NAG J . -27.49 -24.39 27.76
C3 NAG J . -27.84 -25.00 29.12
C4 NAG J . -28.05 -26.50 29.02
C5 NAG J . -26.85 -27.14 28.33
C6 NAG J . -26.98 -28.63 28.13
C7 NAG J . -27.81 -21.97 27.42
C8 NAG J . -27.23 -20.61 27.67
N2 NAG J . -27.10 -23.01 27.91
O3 NAG J . -29.01 -24.37 29.63
O4 NAG J . -28.20 -27.07 30.32
O5 NAG J . -26.70 -26.57 27.02
O6 NAG J . -25.78 -29.28 28.51
O7 NAG J . -28.85 -22.13 26.79
MG MG K . -13.61 2.61 -2.65
C1 PEG L . -9.80 -17.05 26.54
O1 PEG L . -9.96 -18.31 25.89
C2 PEG L . -8.32 -16.79 26.89
O2 PEG L . -8.17 -15.41 27.30
C3 PEG L . -6.85 -14.87 27.09
C4 PEG L . -6.81 -13.42 27.58
O4 PEG L . -7.35 -12.55 26.60
C2 P6G M . -22.27 1.10 0.77
C3 P6G M . -22.52 0.01 -0.27
O4 P6G M . -22.48 -1.28 0.36
C5 P6G M . -22.68 -2.29 -0.62
C6 P6G M . -22.59 -3.70 -0.04
O7 P6G M . -22.72 -4.71 -1.07
C8 P6G M . -21.70 -4.27 -2.00
C9 P6G M . -21.18 -4.95 -3.24
O10 P6G M . -20.28 -3.85 -3.58
C11 P6G M . -19.37 -4.09 -4.64
C12 P6G M . -18.64 -2.77 -4.99
O13 P6G M . -17.69 -3.10 -6.04
C14 P6G M . -18.44 -3.78 -7.05
C15 P6G M . -17.58 -4.34 -8.15
O16 P6G M . -18.56 -5.05 -8.91
C17 P6G M . -17.90 -5.81 -9.91
C18 P6G M . -18.87 -6.67 -10.68
O19 P6G M . -18.04 -7.35 -11.62
O4 P6G N . 0.27 -5.10 -9.15
C5 P6G N . 0.43 -4.32 -7.96
C6 P6G N . 0.22 -5.18 -6.70
O7 P6G N . 0.40 -4.29 -5.59
C8 P6G N . 0.28 -4.87 -4.28
C9 P6G N . 0.57 -3.71 -3.33
O10 P6G N . -0.43 -2.72 -3.57
C11 P6G N . -0.18 -1.50 -2.85
C12 P6G N . -1.24 -0.42 -3.06
O13 P6G N . -1.52 0.09 -4.41
C14 P6G N . -2.07 -0.92 -5.28
C15 P6G N . -2.39 -0.41 -6.67
O16 P6G N . -2.92 -1.51 -7.42
C1 GOL O . -23.66 -29.21 -7.10
O1 GOL O . -24.31 -28.21 -7.84
C2 GOL O . -22.83 -30.08 -8.02
O2 GOL O . -22.11 -29.28 -8.93
C3 GOL O . -21.86 -30.91 -7.18
O3 GOL O . -21.00 -31.66 -8.01
C1 GOL P . -18.05 -10.71 36.99
O1 GOL P . -17.05 -11.01 36.05
C2 GOL P . -19.33 -11.50 36.70
O2 GOL P . -19.81 -12.09 37.88
C3 GOL P . -20.39 -10.55 36.13
O3 GOL P . -21.57 -11.27 35.85
C1 GOL Q . -11.26 -20.16 15.53
O1 GOL Q . -11.70 -19.37 14.45
C2 GOL Q . -11.22 -21.62 15.10
O2 GOL Q . -11.53 -21.71 13.73
C3 GOL Q . -9.83 -22.20 15.38
O3 GOL Q . -9.68 -22.45 16.76
C1 GOL R . -25.67 2.89 28.61
O1 GOL R . -24.80 3.08 29.71
C2 GOL R . -25.08 1.89 27.62
O2 GOL R . -26.07 0.96 27.23
C3 GOL R . -24.54 2.60 26.38
O3 GOL R . -23.30 3.20 26.67
UNK UNX S . 2.59 10.39 -3.80
C1 NAG T . 22.14 34.91 -6.38
C2 NAG T . 22.70 36.25 -5.92
C3 NAG T . 22.03 36.67 -4.62
C4 NAG T . 20.52 36.72 -4.81
C5 NAG T . 20.00 35.39 -5.35
C6 NAG T . 18.54 35.45 -5.74
C7 NAG T . 25.01 36.74 -6.62
C8 NAG T . 24.40 37.42 -7.81
N2 NAG T . 24.15 36.19 -5.75
O3 NAG T . 22.51 37.95 -4.24
O4 NAG T . 19.88 37.00 -3.58
O5 NAG T . 20.72 35.01 -6.53
O6 NAG T . 17.80 34.35 -5.23
O7 NAG T . 26.22 36.66 -6.45
C1 NAG U . 8.32 3.07 -33.13
C2 NAG U . 7.25 3.87 -33.89
C3 NAG U . 6.18 2.93 -34.46
C4 NAG U . 6.82 1.82 -35.28
C5 NAG U . 7.85 1.09 -34.43
C6 NAG U . 8.60 0.02 -35.19
C7 NAG U . 6.79 6.19 -33.24
C8 NAG U . 7.66 6.60 -34.39
N2 NAG U . 6.65 4.88 -33.04
O3 NAG U . 5.26 3.67 -35.26
O4 NAG U . 5.83 0.91 -35.74
O5 NAG U . 8.84 2.03 -33.98
O6 NAG U . 9.37 -0.80 -34.32
O7 NAG U . 6.26 7.02 -32.50
MG MG V . 12.29 -5.44 -3.35
CL CL W . 0.60 17.39 -23.10
C1 PEG X . 26.07 -1.22 -15.35
O1 PEG X . 26.86 -0.69 -16.41
C2 PEG X . 25.28 -0.09 -14.63
O2 PEG X . 24.41 -0.68 -13.64
C3 PEG X . 24.95 -0.74 -12.29
C4 PEG X . 24.00 -1.52 -11.39
O4 PEG X . 22.74 -0.87 -11.35
C1 PEG Y . 25.11 32.17 7.01
O1 PEG Y . 25.67 33.39 6.56
C2 PEG Y . 23.57 32.33 7.19
O2 PEG Y . 23.22 32.47 8.58
C3 PEG Y . 24.04 31.71 9.48
C4 PEG Y . 23.39 31.67 10.85
O4 PEG Y . 24.15 30.83 11.70
C1 GOL Z . 13.65 24.12 -16.12
O1 GOL Z . 13.98 24.07 -14.75
C2 GOL Z . 14.75 24.81 -16.92
O2 GOL Z . 15.42 23.89 -17.74
C3 GOL Z . 14.16 25.93 -17.77
O3 GOL Z . 14.85 26.00 -19.01
C1 GOL AA . 9.32 25.39 -11.28
O1 GOL AA . 9.61 26.65 -11.87
C2 GOL AA . 10.60 24.78 -10.72
O2 GOL AA . 10.31 24.16 -9.48
C3 GOL AA . 11.14 23.74 -11.69
O3 GOL AA . 12.18 22.99 -11.10
C1 GOL BA . -8.76 -3.95 -16.62
O1 GOL BA . -8.70 -4.77 -15.46
C2 GOL BA . -7.35 -3.69 -17.14
O2 GOL BA . -6.48 -4.73 -16.75
C3 GOL BA . -7.40 -3.60 -18.67
O3 GOL BA . -6.09 -3.45 -19.17
#